data_6X16
#
_entry.id   6X16
#
_cell.length_a   1.00
_cell.length_b   1.00
_cell.length_c   1.00
_cell.angle_alpha   90.00
_cell.angle_beta   90.00
_cell.angle_gamma   90.00
#
_symmetry.space_group_name_H-M   'P 1'
#
loop_
_entity.id
_entity.type
_entity.pdbx_description
1 polymer 'Glutamate transporter homologue GltPh'
2 non-polymer '[(2~{R})-1-[2-azanylethoxy(oxidanyl)phosphoryl]oxy-3-hexadecanoyloxy-propan-2-yl] (~{Z})-octadec-9-enoate'
3 non-polymer '(3S)-3-(BENZYLOXY)-L-ASPARTIC ACID'
#
_entity_poly.entity_id   1
_entity_poly.type   'polypeptide(L)'
_entity_poly.pdbx_seq_one_letter_code
;(FME)GLYRKYIEYPVLQKILIGLILGAIVGLILGHYGYAHAVHTYVKPFGDLFVRLLCMLVMPIVFASLVVGAASISPA
RLGRVGVKIVVYYLLTSAFAVTLGIIMARLFNPGAGIHLAVGGQQFQPHQAPPLVHILLDIVPTNPFGALANGQVLPTIF
FAIILGIAITYLMNSENEKVRKSAETLLDAINGLAEAMYKIVNGVMQYAPIGVFALIAYVMAEQGVHVVGELAKVTAAVY
VGLTLQILLVYFVLLKIYGIDPISFIKHAKDAMLTAFVTRSSSGTLPVTMRVAKEMGISEGIYSFTLPLGATINMDGTAL
YQGVATFFIANALGSHLTVGQQLTIVLTAVLASIGTAGVPGAGAIMLCMVLHSVGLPLTDPNVAAAYAMILGIDAILDMG
RTMVNVTGDLTGTAIVAKTEGTLVPR
;
_entity_poly.pdbx_strand_id   B,A,C
#
# COMPACT_ATOMS: atom_id res chain seq x y z
N GLY A 2 32.40 -1.58 26.71
CA GLY A 2 31.50 -1.12 25.67
C GLY A 2 31.77 -1.78 24.33
N LEU A 3 31.34 -3.04 24.21
CA LEU A 3 31.59 -3.80 22.98
C LEU A 3 30.75 -3.27 21.81
N TYR A 4 29.52 -2.85 22.10
CA TYR A 4 28.65 -2.32 21.05
C TYR A 4 29.16 -0.98 20.52
N ARG A 5 29.53 -0.07 21.44
CA ARG A 5 30.08 1.21 21.01
C ARG A 5 31.48 1.07 20.43
N LYS A 6 32.20 -0.01 20.76
CA LYS A 6 33.42 -0.32 20.02
C LYS A 6 33.10 -0.79 18.60
N TYR A 7 32.04 -1.57 18.44
CA TYR A 7 31.73 -2.16 17.14
C TYR A 7 31.18 -1.12 16.16
N ILE A 8 30.32 -0.22 16.63
CA ILE A 8 29.70 0.74 15.71
C ILE A 8 30.66 1.85 15.34
N GLU A 9 31.45 2.34 16.31
CA GLU A 9 32.40 3.43 16.04
C GLU A 9 33.56 2.99 15.16
N TYR A 10 33.83 1.69 15.06
CA TYR A 10 34.83 1.20 14.13
C TYR A 10 34.34 1.43 12.70
N PRO A 11 35.24 1.76 11.76
CA PRO A 11 34.80 2.05 10.39
C PRO A 11 34.26 0.81 9.68
N VAL A 12 33.45 1.06 8.65
CA VAL A 12 32.66 0.00 8.04
C VAL A 12 33.49 -0.81 7.06
N LEU A 13 34.32 -0.14 6.24
CA LEU A 13 34.99 -0.81 5.13
C LEU A 13 36.06 -1.79 5.62
N GLN A 14 36.87 -1.39 6.59
CA GLN A 14 37.85 -2.29 7.18
C GLN A 14 37.19 -3.44 7.91
N LYS A 15 35.99 -3.19 8.47
CA LYS A 15 35.24 -4.25 9.14
C LYS A 15 34.75 -5.30 8.17
N ILE A 16 34.24 -4.87 7.01
CA ILE A 16 33.77 -5.82 6.01
C ILE A 16 34.94 -6.57 5.37
N LEU A 17 36.09 -5.89 5.19
CA LEU A 17 37.27 -6.57 4.67
C LEU A 17 37.81 -7.61 5.65
N ILE A 18 37.80 -7.30 6.95
CA ILE A 18 38.21 -8.26 7.97
C ILE A 18 37.26 -9.45 8.02
N GLY A 19 35.96 -9.18 7.93
CA GLY A 19 34.98 -10.27 7.91
C GLY A 19 35.10 -11.14 6.69
N LEU A 20 35.43 -10.54 5.54
CA LEU A 20 35.63 -11.30 4.30
C LEU A 20 36.85 -12.20 4.38
N ILE A 21 37.97 -11.66 4.89
CA ILE A 21 39.21 -12.45 4.97
C ILE A 21 39.06 -13.59 5.97
N LEU A 22 38.51 -13.29 7.16
CA LEU A 22 38.27 -14.33 8.15
C LEU A 22 37.22 -15.34 7.69
N GLY A 23 36.24 -14.91 6.89
CA GLY A 23 35.28 -15.84 6.36
C GLY A 23 35.88 -16.81 5.36
N ALA A 24 36.74 -16.31 4.47
CA ALA A 24 37.42 -17.18 3.53
C ALA A 24 38.36 -18.16 4.24
N ILE A 25 39.05 -17.68 5.28
CA ILE A 25 39.99 -18.54 6.00
C ILE A 25 39.24 -19.65 6.76
N VAL A 26 38.21 -19.27 7.53
CA VAL A 26 37.45 -20.25 8.31
C VAL A 26 36.68 -21.20 7.40
N GLY A 27 36.20 -20.71 6.26
CA GLY A 27 35.50 -21.57 5.31
C GLY A 27 36.41 -22.60 4.66
N LEU A 28 37.62 -22.19 4.27
CA LEU A 28 38.55 -23.15 3.67
C LEU A 28 39.06 -24.16 4.69
N ILE A 29 39.30 -23.71 5.93
CA ILE A 29 39.80 -24.62 6.97
C ILE A 29 38.72 -25.63 7.36
N LEU A 30 37.48 -25.19 7.54
CA LEU A 30 36.41 -26.13 7.82
C LEU A 30 35.98 -26.94 6.61
N GLY A 31 36.35 -26.52 5.39
CA GLY A 31 36.11 -27.34 4.22
C GLY A 31 37.15 -28.41 4.00
N HIS A 32 38.37 -28.21 4.51
CA HIS A 32 39.36 -29.27 4.42
C HIS A 32 39.08 -30.41 5.40
N TYR A 33 38.46 -30.13 6.54
CA TYR A 33 38.20 -31.13 7.57
C TYR A 33 36.89 -31.87 7.36
N GLY A 34 36.20 -31.65 6.25
CA GLY A 34 34.93 -32.30 6.01
C GLY A 34 33.80 -31.80 6.88
N TYR A 35 33.89 -30.57 7.38
CA TYR A 35 32.90 -30.00 8.29
C TYR A 35 31.91 -29.10 7.58
N ALA A 36 31.53 -29.44 6.34
CA ALA A 36 30.74 -28.53 5.53
C ALA A 36 29.29 -28.45 6.01
N HIS A 37 28.71 -29.58 6.43
CA HIS A 37 27.32 -29.56 6.88
C HIS A 37 27.17 -28.85 8.22
N ALA A 38 28.18 -28.94 9.09
CA ALA A 38 28.12 -28.27 10.38
C ALA A 38 28.23 -26.76 10.23
N VAL A 39 29.19 -26.30 9.41
CA VAL A 39 29.33 -24.87 9.18
C VAL A 39 28.14 -24.34 8.38
N HIS A 40 27.52 -25.20 7.55
CA HIS A 40 26.27 -24.86 6.87
C HIS A 40 25.17 -24.56 7.88
N THR A 41 24.80 -25.58 8.67
CA THR A 41 23.62 -25.49 9.53
C THR A 41 23.85 -24.59 10.75
N TYR A 42 25.10 -24.20 11.03
CA TYR A 42 25.34 -23.33 12.16
C TYR A 42 25.86 -21.94 11.79
N VAL A 43 26.18 -21.66 10.53
CA VAL A 43 26.74 -20.38 10.13
C VAL A 43 25.91 -19.71 9.03
N LYS A 44 25.51 -20.49 7.99
CA LYS A 44 24.75 -19.98 6.84
C LYS A 44 23.47 -19.17 7.12
N PRO A 45 22.69 -19.45 8.20
CA PRO A 45 21.54 -18.55 8.50
C PRO A 45 21.86 -17.08 8.74
N PHE A 46 23.08 -16.73 9.18
CA PHE A 46 23.41 -15.31 9.32
C PHE A 46 23.51 -14.63 7.97
N GLY A 47 24.15 -15.28 7.01
CA GLY A 47 24.16 -14.75 5.65
C GLY A 47 22.81 -14.77 5.00
N ASP A 48 21.97 -15.76 5.33
CA ASP A 48 20.59 -15.76 4.86
C ASP A 48 19.79 -14.59 5.45
N LEU A 49 20.07 -14.21 6.70
CA LEU A 49 19.42 -13.05 7.29
C LEU A 49 19.88 -11.76 6.62
N PHE A 50 21.16 -11.69 6.25
CA PHE A 50 21.67 -10.53 5.50
C PHE A 50 21.00 -10.42 4.13
N VAL A 51 20.89 -11.54 3.42
CA VAL A 51 20.26 -11.57 2.11
C VAL A 51 18.77 -11.21 2.22
N ARG A 52 18.11 -11.68 3.28
CA ARG A 52 16.70 -11.37 3.47
C ARG A 52 16.48 -9.91 3.85
N LEU A 53 17.41 -9.30 4.56
CA LEU A 53 17.28 -7.87 4.85
C LEU A 53 17.43 -7.02 3.59
N LEU A 54 18.39 -7.39 2.73
CA LEU A 54 18.53 -6.65 1.46
C LEU A 54 17.32 -6.86 0.55
N CYS A 55 16.79 -8.09 0.50
CA CYS A 55 15.59 -8.35 -0.29
C CYS A 55 14.36 -7.66 0.27
N MET A 56 14.30 -7.46 1.59
CA MET A 56 13.27 -6.62 2.18
C MET A 56 13.39 -5.19 1.69
N LEU A 57 14.62 -4.68 1.66
CA LEU A 57 14.81 -3.28 1.29
C LEU A 57 14.77 -3.03 -0.22
N VAL A 58 14.60 -4.05 -1.05
CA VAL A 58 14.53 -3.83 -2.51
C VAL A 58 13.36 -2.91 -2.87
N MET A 59 12.11 -3.35 -2.66
CA MET A 59 10.95 -2.75 -3.34
C MET A 59 10.51 -1.34 -2.90
N PRO A 60 10.50 -0.97 -1.60
CA PRO A 60 10.22 0.44 -1.28
C PRO A 60 11.24 1.42 -1.81
N ILE A 61 12.51 1.01 -1.92
CA ILE A 61 13.51 1.86 -2.56
C ILE A 61 13.17 2.08 -4.02
N VAL A 62 12.70 1.02 -4.71
CA VAL A 62 12.26 1.15 -6.11
C VAL A 62 11.16 2.18 -6.25
N PHE A 63 10.06 2.00 -5.50
CA PHE A 63 8.90 2.88 -5.66
C PHE A 63 9.21 4.31 -5.24
N ALA A 64 9.72 4.50 -4.01
CA ALA A 64 9.91 5.84 -3.49
C ALA A 64 11.04 6.58 -4.21
N SER A 65 12.16 5.89 -4.46
CA SER A 65 13.29 6.51 -5.12
C SER A 65 12.96 6.88 -6.56
N LEU A 66 12.21 6.04 -7.27
CA LEU A 66 11.87 6.46 -8.63
C LEU A 66 10.79 7.53 -8.68
N VAL A 67 9.90 7.60 -7.69
CA VAL A 67 8.96 8.72 -7.65
C VAL A 67 9.70 10.03 -7.43
N VAL A 68 10.64 10.04 -6.47
CA VAL A 68 11.41 11.26 -6.19
C VAL A 68 12.34 11.62 -7.35
N GLY A 69 12.96 10.62 -7.98
CA GLY A 69 13.90 10.91 -9.05
C GLY A 69 13.22 11.31 -10.35
N ALA A 70 12.07 10.71 -10.65
CA ALA A 70 11.26 11.21 -11.75
C ALA A 70 10.65 12.56 -11.43
N ALA A 71 10.50 12.90 -10.15
CA ALA A 71 10.14 14.26 -9.79
C ALA A 71 11.30 15.22 -9.90
N SER A 72 12.54 14.72 -9.95
CA SER A 72 13.72 15.57 -10.08
C SER A 72 14.25 15.61 -11.51
N ILE A 73 13.69 14.84 -12.43
CA ILE A 73 14.16 14.76 -13.81
C ILE A 73 13.09 15.19 -14.81
N SER A 74 11.89 15.53 -14.32
CA SER A 74 10.70 15.64 -15.15
C SER A 74 10.78 16.80 -16.13
N PRO A 75 10.19 16.65 -17.33
CA PRO A 75 10.20 17.73 -18.32
C PRO A 75 9.30 18.91 -17.97
N ALA A 76 8.57 18.88 -16.85
CA ALA A 76 7.76 20.03 -16.46
C ALA A 76 8.63 21.18 -15.96
N ARG A 77 9.75 20.87 -15.31
CA ARG A 77 10.69 21.89 -14.83
C ARG A 77 12.10 21.51 -15.28
N LEU A 78 12.44 21.88 -16.51
CA LEU A 78 13.78 21.68 -17.05
C LEU A 78 14.06 22.79 -18.06
N GLY A 79 15.28 23.32 -18.02
CA GLY A 79 15.73 24.30 -18.98
C GLY A 79 16.48 23.65 -20.12
N ARG A 80 17.44 24.39 -20.68
CA ARG A 80 18.30 23.83 -21.72
C ARG A 80 19.43 23.01 -21.10
N VAL A 81 19.98 23.48 -19.98
CA VAL A 81 21.06 22.77 -19.29
C VAL A 81 20.54 21.46 -18.72
N GLY A 82 19.29 21.45 -18.26
CA GLY A 82 18.72 20.25 -17.66
C GLY A 82 18.54 19.13 -18.66
N VAL A 83 17.94 19.42 -19.82
CA VAL A 83 17.78 18.43 -20.87
C VAL A 83 19.15 18.04 -21.43
N LYS A 84 20.04 19.03 -21.57
CA LYS A 84 21.37 18.81 -22.14
C LYS A 84 22.22 17.88 -21.30
N ILE A 85 22.04 17.88 -19.98
CA ILE A 85 22.81 16.96 -19.14
C ILE A 85 22.03 15.69 -18.79
N VAL A 86 20.70 15.70 -18.85
CA VAL A 86 19.93 14.50 -18.57
C VAL A 86 20.05 13.51 -19.72
N VAL A 87 20.04 14.00 -20.98
CA VAL A 87 20.23 13.08 -22.09
C VAL A 87 21.66 12.55 -22.12
N TYR A 88 22.64 13.34 -21.65
CA TYR A 88 24.00 12.85 -21.52
C TYR A 88 24.11 11.76 -20.47
N TYR A 89 23.46 11.96 -19.32
CA TYR A 89 23.55 11.00 -18.22
C TYR A 89 22.89 9.67 -18.59
N LEU A 90 21.72 9.72 -19.24
CA LEU A 90 21.05 8.48 -19.62
C LEU A 90 21.79 7.78 -20.77
N LEU A 91 22.26 8.53 -21.76
CA LEU A 91 22.99 7.93 -22.87
C LEU A 91 24.36 7.42 -22.46
N THR A 92 24.92 7.94 -21.36
CA THR A 92 26.17 7.40 -20.84
C THR A 92 25.94 6.16 -19.98
N SER A 93 24.85 6.13 -19.20
CA SER A 93 24.54 4.95 -18.40
C SER A 93 24.20 3.75 -19.28
N ALA A 94 23.52 3.98 -20.41
CA ALA A 94 23.20 2.88 -21.31
C ALA A 94 24.45 2.30 -21.96
N PHE A 95 25.38 3.17 -22.36
CA PHE A 95 26.61 2.66 -22.96
C PHE A 95 27.53 2.05 -21.92
N ALA A 96 27.40 2.47 -20.66
CA ALA A 96 28.17 1.85 -19.58
C ALA A 96 27.67 0.44 -19.29
N VAL A 97 26.34 0.24 -19.28
CA VAL A 97 25.85 -1.12 -19.04
C VAL A 97 26.08 -2.00 -20.27
N THR A 98 26.13 -1.41 -21.48
CA THR A 98 26.51 -2.18 -22.65
C THR A 98 27.98 -2.59 -22.61
N LEU A 99 28.85 -1.69 -22.12
CA LEU A 99 30.25 -2.05 -21.89
C LEU A 99 30.39 -3.10 -20.81
N GLY A 100 29.50 -3.11 -19.82
CA GLY A 100 29.49 -4.17 -18.84
C GLY A 100 29.13 -5.52 -19.42
N ILE A 101 28.15 -5.54 -20.34
CA ILE A 101 27.82 -6.77 -21.08
C ILE A 101 29.03 -7.23 -21.91
N ILE A 102 29.71 -6.28 -22.57
CA ILE A 102 30.87 -6.61 -23.40
C ILE A 102 32.02 -7.16 -22.55
N MET A 103 32.29 -6.54 -21.40
CA MET A 103 33.35 -7.02 -20.52
C MET A 103 32.99 -8.31 -19.81
N ALA A 104 31.70 -8.62 -19.67
CA ALA A 104 31.33 -9.93 -19.14
C ALA A 104 31.41 -11.00 -20.22
N ARG A 105 31.24 -10.63 -21.49
CA ARG A 105 31.42 -11.59 -22.57
C ARG A 105 32.89 -11.85 -22.88
N LEU A 106 33.74 -10.83 -22.74
CA LEU A 106 35.15 -10.98 -23.09
C LEU A 106 35.88 -11.81 -22.05
N PHE A 107 35.50 -11.71 -20.78
CA PHE A 107 35.96 -12.61 -19.75
C PHE A 107 34.99 -13.79 -19.68
N ASN A 108 35.12 -14.61 -18.64
CA ASN A 108 34.15 -15.68 -18.36
C ASN A 108 33.91 -15.72 -16.86
N PRO A 109 33.06 -14.84 -16.34
CA PRO A 109 32.81 -14.81 -14.90
C PRO A 109 31.89 -15.96 -14.48
N GLY A 110 32.37 -16.81 -13.59
CA GLY A 110 31.55 -17.87 -13.05
C GLY A 110 31.34 -19.06 -13.95
N ALA A 111 32.24 -19.29 -14.91
CA ALA A 111 32.17 -20.51 -15.70
C ALA A 111 32.76 -21.67 -14.89
N GLY A 112 32.58 -22.88 -15.41
CA GLY A 112 33.10 -24.05 -14.72
C GLY A 112 32.30 -24.54 -13.53
N ILE A 113 31.99 -23.64 -12.59
CA ILE A 113 31.19 -24.02 -11.42
C ILE A 113 29.74 -24.28 -11.84
N HIS A 114 29.13 -25.27 -11.20
CA HIS A 114 27.74 -25.62 -11.45
C HIS A 114 27.03 -25.66 -10.11
N LEU A 115 26.03 -24.79 -9.95
CA LEU A 115 25.45 -24.49 -8.64
C LEU A 115 24.15 -25.24 -8.40
N ALA A 116 24.05 -26.50 -8.84
CA ALA A 116 22.86 -27.29 -8.56
C ALA A 116 22.85 -27.71 -7.09
N VAL A 117 22.35 -26.84 -6.22
CA VAL A 117 22.42 -27.09 -4.78
C VAL A 117 21.35 -28.09 -4.34
N GLY A 118 20.21 -28.13 -5.02
CA GLY A 118 19.17 -29.08 -4.68
C GLY A 118 19.21 -30.38 -5.46
N GLY A 119 20.24 -30.57 -6.29
CA GLY A 119 20.32 -31.73 -7.15
C GLY A 119 19.81 -31.53 -8.56
N GLN A 120 19.21 -30.37 -8.86
CA GLN A 120 18.74 -30.05 -10.19
C GLN A 120 19.26 -28.68 -10.59
N GLN A 121 19.52 -28.51 -11.88
CA GLN A 121 19.93 -27.22 -12.39
C GLN A 121 18.71 -26.30 -12.54
N PHE A 122 18.97 -25.00 -12.49
CA PHE A 122 17.93 -24.01 -12.71
C PHE A 122 17.59 -23.98 -14.19
N GLN A 123 16.39 -24.41 -14.53
CA GLN A 123 15.93 -24.33 -15.92
C GLN A 123 15.14 -23.05 -16.10
N PRO A 124 15.49 -22.21 -17.08
CA PRO A 124 14.74 -20.95 -17.28
C PRO A 124 13.36 -21.22 -17.85
N HIS A 125 12.37 -20.51 -17.34
CA HIS A 125 11.04 -20.58 -17.92
C HIS A 125 11.02 -19.94 -19.30
N GLN A 126 10.19 -20.47 -20.18
CA GLN A 126 10.18 -20.05 -21.58
C GLN A 126 9.66 -18.62 -21.71
N ALA A 127 10.33 -17.84 -22.54
CA ALA A 127 10.02 -16.43 -22.67
C ALA A 127 8.71 -16.23 -23.43
N PRO A 128 7.92 -15.23 -23.04
CA PRO A 128 6.74 -14.86 -23.82
C PRO A 128 7.17 -14.15 -25.11
N PRO A 129 6.23 -13.90 -26.04
CA PRO A 129 6.56 -13.06 -27.20
C PRO A 129 6.95 -11.64 -26.80
N LEU A 130 7.54 -10.94 -27.78
CA LEU A 130 8.10 -9.61 -27.51
C LEU A 130 7.02 -8.60 -27.19
N VAL A 131 5.87 -8.69 -27.87
CA VAL A 131 4.80 -7.74 -27.60
C VAL A 131 4.12 -8.05 -26.27
N HIS A 132 4.21 -9.29 -25.77
CA HIS A 132 3.64 -9.60 -24.46
C HIS A 132 4.44 -8.95 -23.34
N ILE A 133 5.78 -8.97 -23.44
CA ILE A 133 6.54 -8.29 -22.39
C ILE A 133 6.51 -6.78 -22.58
N LEU A 134 6.41 -6.29 -23.82
CA LEU A 134 6.32 -4.85 -24.01
C LEU A 134 4.95 -4.29 -23.63
N LEU A 135 3.93 -5.14 -23.56
CA LEU A 135 2.66 -4.73 -22.97
C LEU A 135 2.61 -4.97 -21.47
N ASP A 136 3.33 -5.99 -20.98
CA ASP A 136 3.38 -6.27 -19.54
C ASP A 136 4.35 -5.37 -18.78
N ILE A 137 5.05 -4.48 -19.48
CA ILE A 137 5.71 -3.37 -18.79
C ILE A 137 4.67 -2.49 -18.08
N VAL A 138 3.57 -2.20 -18.76
CA VAL A 138 2.49 -1.43 -18.15
C VAL A 138 1.67 -2.35 -17.24
N PRO A 139 1.49 -2.00 -15.97
CA PRO A 139 0.76 -2.89 -15.06
C PRO A 139 -0.75 -2.81 -15.24
N THR A 140 -1.42 -3.90 -14.88
CA THR A 140 -2.86 -3.91 -14.73
C THR A 140 -3.30 -3.36 -13.38
N ASN A 141 -2.48 -3.55 -12.35
CA ASN A 141 -2.77 -3.07 -11.01
C ASN A 141 -1.50 -2.51 -10.40
N PRO A 142 -1.45 -1.23 -10.05
CA PRO A 142 -0.22 -0.69 -9.44
C PRO A 142 0.04 -1.23 -8.05
N PHE A 143 -0.99 -1.35 -7.21
CA PHE A 143 -0.83 -2.02 -5.93
C PHE A 143 -0.59 -3.51 -6.12
N GLY A 144 -1.15 -4.09 -7.19
CA GLY A 144 -0.90 -5.50 -7.47
C GLY A 144 0.52 -5.75 -7.90
N ALA A 145 1.03 -4.92 -8.81
CA ALA A 145 2.42 -5.06 -9.24
C ALA A 145 3.39 -4.67 -8.14
N LEU A 146 2.96 -3.83 -7.21
CA LEU A 146 3.78 -3.49 -6.06
C LEU A 146 3.75 -4.58 -4.99
N ALA A 147 2.71 -5.43 -4.99
CA ALA A 147 2.52 -6.38 -3.90
C ALA A 147 3.15 -7.75 -4.14
N ASN A 148 3.65 -8.05 -5.34
CA ASN A 148 4.44 -9.27 -5.52
C ASN A 148 5.48 -9.07 -6.63
N GLY A 149 6.66 -8.63 -6.23
CA GLY A 149 7.79 -8.52 -7.16
C GLY A 149 7.56 -7.44 -8.19
N GLN A 150 7.81 -7.81 -9.46
CA GLN A 150 7.44 -7.04 -10.65
C GLN A 150 8.08 -5.64 -10.65
N VAL A 151 9.40 -5.65 -10.81
CA VAL A 151 10.21 -4.44 -10.72
C VAL A 151 9.88 -3.46 -11.85
N LEU A 152 9.76 -3.96 -13.08
CA LEU A 152 9.50 -3.09 -14.23
C LEU A 152 8.12 -2.40 -14.23
N PRO A 153 6.99 -3.05 -13.86
CA PRO A 153 5.76 -2.27 -13.73
C PRO A 153 5.78 -1.24 -12.60
N THR A 154 6.44 -1.54 -11.49
CA THR A 154 6.60 -0.57 -10.42
C THR A 154 7.45 0.61 -10.89
N ILE A 155 8.47 0.33 -11.70
CA ILE A 155 9.33 1.38 -12.26
C ILE A 155 8.52 2.31 -13.18
N PHE A 156 7.68 1.71 -14.04
CA PHE A 156 6.87 2.49 -14.96
C PHE A 156 5.84 3.35 -14.22
N PHE A 157 5.14 2.75 -13.25
CA PHE A 157 4.14 3.48 -12.49
C PHE A 157 4.75 4.58 -11.63
N ALA A 158 5.96 4.35 -11.10
CA ALA A 158 6.61 5.36 -10.27
C ALA A 158 7.08 6.54 -11.11
N ILE A 159 7.62 6.28 -12.31
CA ILE A 159 8.05 7.37 -13.17
C ILE A 159 6.86 8.20 -13.63
N ILE A 160 5.75 7.53 -13.99
CA ILE A 160 4.55 8.25 -14.42
C ILE A 160 3.96 9.07 -13.27
N LEU A 161 3.95 8.51 -12.05
CA LEU A 161 3.41 9.23 -10.90
C LEU A 161 4.28 10.43 -10.52
N GLY A 162 5.60 10.31 -10.65
CA GLY A 162 6.46 11.45 -10.36
C GLY A 162 6.32 12.58 -11.36
N ILE A 163 6.22 12.23 -12.66
CA ILE A 163 6.00 13.24 -13.69
C ILE A 163 4.65 13.93 -13.50
N ALA A 164 3.64 13.16 -13.07
CA ALA A 164 2.33 13.74 -12.78
C ALA A 164 2.36 14.64 -11.56
N ILE A 165 3.17 14.30 -10.55
CA ILE A 165 3.29 15.15 -9.36
C ILE A 165 3.91 16.49 -9.72
N THR A 166 4.95 16.48 -10.55
CA THR A 166 5.55 17.76 -10.97
C THR A 166 4.65 18.55 -11.91
N TYR A 167 3.84 17.88 -12.73
CA TYR A 167 2.87 18.63 -13.52
C TYR A 167 1.73 19.14 -12.65
N LEU A 168 1.51 18.54 -11.48
CA LEU A 168 0.50 19.00 -10.55
C LEU A 168 0.96 20.18 -9.73
N MET A 169 2.27 20.29 -9.47
CA MET A 169 2.79 21.37 -8.63
C MET A 169 2.98 22.69 -9.36
N ASN A 170 2.45 22.84 -10.57
CA ASN A 170 2.57 24.08 -11.32
C ASN A 170 1.22 24.58 -11.82
N SER A 171 0.16 24.32 -11.07
CA SER A 171 -1.18 24.73 -11.45
C SER A 171 -1.59 25.98 -10.68
N GLU A 172 -2.68 26.60 -11.13
CA GLU A 172 -3.14 27.86 -10.54
C GLU A 172 -3.86 27.65 -9.21
N ASN A 173 -4.37 26.45 -8.95
CA ASN A 173 -5.04 26.16 -7.69
C ASN A 173 -4.03 26.08 -6.56
N GLU A 174 -4.53 26.17 -5.33
CA GLU A 174 -3.72 26.13 -4.11
C GLU A 174 -3.83 24.82 -3.37
N LYS A 175 -5.05 24.26 -3.31
CA LYS A 175 -5.28 23.02 -2.59
C LYS A 175 -4.57 21.84 -3.25
N VAL A 176 -4.61 21.76 -4.58
CA VAL A 176 -3.93 20.66 -5.24
C VAL A 176 -2.42 20.85 -5.24
N ARG A 177 -1.94 22.09 -5.12
CA ARG A 177 -0.50 22.33 -5.00
C ARG A 177 0.01 21.87 -3.65
N LYS A 178 -0.70 22.24 -2.57
CA LYS A 178 -0.33 21.76 -1.24
C LYS A 178 -0.50 20.25 -1.11
N SER A 179 -1.49 19.69 -1.81
CA SER A 179 -1.70 18.24 -1.78
C SER A 179 -0.57 17.49 -2.48
N ALA A 180 -0.15 17.98 -3.65
CA ALA A 180 0.96 17.36 -4.36
C ALA A 180 2.27 17.51 -3.60
N GLU A 181 2.47 18.66 -2.94
CA GLU A 181 3.66 18.86 -2.13
C GLU A 181 3.68 17.92 -0.92
N THR A 182 2.51 17.70 -0.31
CA THR A 182 2.42 16.79 0.83
C THR A 182 2.68 15.34 0.42
N LEU A 183 2.14 14.92 -0.73
CA LEU A 183 2.37 13.56 -1.19
C LEU A 183 3.83 13.34 -1.57
N LEU A 184 4.45 14.30 -2.25
CA LEU A 184 5.85 14.17 -2.64
C LEU A 184 6.76 14.17 -1.42
N ASP A 185 6.43 14.96 -0.39
CA ASP A 185 7.25 14.96 0.82
C ASP A 185 7.09 13.67 1.60
N ALA A 186 5.89 13.08 1.62
CA ALA A 186 5.72 11.79 2.30
C ALA A 186 6.49 10.68 1.61
N ILE A 187 6.46 10.65 0.27
CA ILE A 187 7.21 9.64 -0.46
C ILE A 187 8.72 9.86 -0.33
N ASN A 188 9.17 11.12 -0.27
CA ASN A 188 10.58 11.40 -0.04
C ASN A 188 11.02 10.96 1.35
N GLY A 189 10.14 11.11 2.34
CA GLY A 189 10.45 10.62 3.68
C GLY A 189 10.54 9.11 3.72
N LEU A 190 9.69 8.42 2.95
CA LEU A 190 9.79 6.97 2.84
C LEU A 190 11.12 6.55 2.21
N ALA A 191 11.56 7.28 1.18
CA ALA A 191 12.83 6.95 0.52
C ALA A 191 14.02 7.16 1.46
N GLU A 192 14.05 8.28 2.19
CA GLU A 192 15.17 8.52 3.08
C GLU A 192 15.14 7.60 4.30
N ALA A 193 13.95 7.16 4.72
CA ALA A 193 13.87 6.17 5.79
C ALA A 193 14.42 4.83 5.33
N MET A 194 14.12 4.43 4.08
CA MET A 194 14.70 3.21 3.54
C MET A 194 16.22 3.31 3.40
N TYR A 195 16.74 4.50 3.09
CA TYR A 195 18.19 4.66 3.04
C TYR A 195 18.82 4.58 4.43
N LYS A 196 18.12 5.04 5.47
CA LYS A 196 18.66 4.86 6.82
C LYS A 196 18.63 3.39 7.24
N ILE A 197 17.61 2.65 6.79
CA ILE A 197 17.57 1.21 7.07
C ILE A 197 18.71 0.48 6.35
N VAL A 198 19.01 0.90 5.11
CA VAL A 198 20.11 0.21 4.41
C VAL A 198 21.46 0.63 4.98
N ASN A 199 21.57 1.81 5.59
CA ASN A 199 22.78 2.14 6.35
C ASN A 199 22.93 1.23 7.57
N GLY A 200 21.82 0.95 8.26
CA GLY A 200 21.90 0.01 9.38
C GLY A 200 22.21 -1.42 8.95
N VAL A 201 21.65 -1.85 7.82
CA VAL A 201 21.90 -3.20 7.33
C VAL A 201 23.36 -3.35 6.87
N MET A 202 23.90 -2.32 6.22
CA MET A 202 25.31 -2.37 5.86
C MET A 202 26.23 -2.18 7.07
N GLN A 203 25.70 -1.65 8.18
CA GLN A 203 26.45 -1.74 9.43
C GLN A 203 26.47 -3.16 9.97
N TYR A 204 25.37 -3.90 9.80
CA TYR A 204 25.35 -5.30 10.22
C TYR A 204 26.20 -6.18 9.31
N ALA A 205 26.36 -5.80 8.05
CA ALA A 205 26.93 -6.57 6.94
C ALA A 205 28.24 -7.36 7.12
N PRO A 206 29.20 -6.99 8.00
CA PRO A 206 30.36 -7.88 8.21
C PRO A 206 30.05 -9.31 8.64
N ILE A 207 29.09 -9.50 9.55
CA ILE A 207 28.73 -10.85 9.98
C ILE A 207 28.10 -11.64 8.84
N GLY A 208 27.28 -10.96 8.02
CA GLY A 208 26.66 -11.64 6.90
C GLY A 208 27.65 -11.99 5.81
N VAL A 209 28.61 -11.10 5.54
CA VAL A 209 29.67 -11.38 4.58
C VAL A 209 30.55 -12.53 5.07
N PHE A 210 30.85 -12.55 6.38
CA PHE A 210 31.61 -13.63 7.00
C PHE A 210 30.90 -14.96 6.84
N ALA A 211 29.59 -15.00 7.12
CA ALA A 211 28.84 -16.24 7.02
C ALA A 211 28.70 -16.72 5.59
N LEU A 212 28.46 -15.80 4.65
CA LEU A 212 28.27 -16.16 3.26
C LEU A 212 29.56 -16.69 2.64
N ILE A 213 30.68 -16.00 2.89
CA ILE A 213 31.96 -16.46 2.35
C ILE A 213 32.44 -17.72 3.05
N ALA A 214 32.11 -17.90 4.33
CA ALA A 214 32.46 -19.13 5.03
C ALA A 214 31.73 -20.33 4.43
N TYR A 215 30.42 -20.21 4.22
CA TYR A 215 29.66 -21.30 3.59
C TYR A 215 30.10 -21.52 2.15
N VAL A 216 30.44 -20.46 1.42
CA VAL A 216 30.80 -20.61 0.01
C VAL A 216 32.16 -21.29 -0.13
N MET A 217 33.15 -20.88 0.68
CA MET A 217 34.46 -21.52 0.64
C MET A 217 34.41 -22.93 1.21
N ALA A 218 33.46 -23.22 2.10
CA ALA A 218 33.36 -24.59 2.62
C ALA A 218 32.66 -25.52 1.66
N GLU A 219 31.65 -25.04 0.92
CA GLU A 219 30.91 -25.91 0.03
C GLU A 219 31.60 -26.04 -1.33
N GLN A 220 31.90 -24.92 -1.98
CA GLN A 220 32.48 -24.99 -3.31
C GLN A 220 33.97 -25.28 -3.27
N GLY A 221 34.69 -24.66 -2.34
CA GLY A 221 36.09 -24.93 -2.16
C GLY A 221 36.98 -23.79 -2.63
N VAL A 222 38.23 -24.15 -2.96
CA VAL A 222 39.20 -23.16 -3.42
C VAL A 222 38.91 -22.74 -4.87
N HIS A 223 38.11 -23.52 -5.59
CA HIS A 223 37.85 -23.29 -7.01
C HIS A 223 36.99 -22.06 -7.29
N VAL A 224 36.41 -21.43 -6.26
CA VAL A 224 35.54 -20.28 -6.47
C VAL A 224 36.26 -18.95 -6.30
N VAL A 225 37.42 -18.94 -5.63
CA VAL A 225 38.12 -17.66 -5.43
C VAL A 225 38.79 -17.21 -6.72
N GLY A 226 39.12 -18.14 -7.62
CA GLY A 226 39.62 -17.75 -8.92
C GLY A 226 38.56 -17.11 -9.79
N GLU A 227 37.32 -17.60 -9.72
CA GLU A 227 36.24 -16.99 -10.47
C GLU A 227 35.82 -15.66 -9.87
N LEU A 228 35.91 -15.53 -8.53
CA LEU A 228 35.67 -14.22 -7.92
C LEU A 228 36.76 -13.22 -8.29
N ALA A 229 38.00 -13.69 -8.42
CA ALA A 229 39.08 -12.84 -8.90
C ALA A 229 38.87 -12.45 -10.36
N LYS A 230 38.30 -13.36 -11.16
CA LYS A 230 37.94 -13.03 -12.54
C LYS A 230 36.83 -11.98 -12.59
N VAL A 231 35.89 -12.05 -11.64
CA VAL A 231 34.83 -11.05 -11.55
C VAL A 231 35.40 -9.68 -11.21
N THR A 232 36.30 -9.64 -10.22
CA THR A 232 36.92 -8.36 -9.82
C THR A 232 37.76 -7.79 -10.96
N ALA A 233 38.48 -8.66 -11.68
CA ALA A 233 39.29 -8.20 -12.82
C ALA A 233 38.42 -7.68 -13.94
N ALA A 234 37.31 -8.35 -14.23
CA ALA A 234 36.40 -7.90 -15.29
C ALA A 234 35.75 -6.57 -14.93
N VAL A 235 35.34 -6.40 -13.67
CA VAL A 235 34.72 -5.15 -13.23
C VAL A 235 35.72 -4.00 -13.30
N TYR A 236 36.94 -4.21 -12.79
CA TYR A 236 37.89 -3.10 -12.75
C TYR A 236 38.46 -2.76 -14.13
N VAL A 237 38.66 -3.77 -14.99
CA VAL A 237 39.07 -3.49 -16.37
C VAL A 237 37.96 -2.76 -17.13
N GLY A 238 36.71 -3.15 -16.90
CA GLY A 238 35.60 -2.44 -17.52
C GLY A 238 35.45 -1.01 -17.04
N LEU A 239 35.72 -0.77 -15.75
CA LEU A 239 35.63 0.60 -15.23
C LEU A 239 36.77 1.47 -15.73
N THR A 240 37.98 0.90 -15.81
CA THR A 240 39.13 1.66 -16.32
C THR A 240 38.94 1.98 -17.80
N LEU A 241 38.46 1.02 -18.59
CA LEU A 241 38.20 1.28 -19.99
C LEU A 241 37.01 2.22 -20.18
N GLN A 242 36.04 2.19 -19.26
CA GLN A 242 34.93 3.15 -19.28
C GLN A 242 35.44 4.57 -19.10
N ILE A 243 36.28 4.77 -18.07
CA ILE A 243 36.88 6.09 -17.79
C ILE A 243 37.67 6.57 -19.01
N LEU A 244 38.65 5.75 -19.45
CA LEU A 244 39.54 6.06 -20.57
C LEU A 244 38.76 6.36 -21.85
N LEU A 245 38.06 5.36 -22.40
CA LEU A 245 37.35 5.49 -23.66
C LEU A 245 36.28 6.59 -23.58
N VAL A 246 35.28 6.40 -22.72
CA VAL A 246 34.10 7.28 -22.74
C VAL A 246 34.48 8.69 -22.33
N TYR A 247 35.10 8.86 -21.16
CA TYR A 247 35.32 10.22 -20.65
C TYR A 247 36.44 10.91 -21.41
N PHE A 248 37.51 10.20 -21.80
CA PHE A 248 38.62 10.86 -22.46
C PHE A 248 38.27 11.23 -23.91
N VAL A 249 37.56 10.35 -24.63
CA VAL A 249 37.16 10.71 -25.99
C VAL A 249 36.08 11.78 -25.98
N LEU A 250 35.17 11.77 -24.99
CA LEU A 250 34.18 12.85 -24.93
C LEU A 250 34.81 14.18 -24.57
N LEU A 251 35.82 14.17 -23.69
CA LEU A 251 36.50 15.42 -23.35
C LEU A 251 37.39 15.92 -24.48
N LYS A 252 37.95 15.02 -25.30
CA LYS A 252 38.76 15.47 -26.42
C LYS A 252 37.91 15.89 -27.61
N ILE A 253 36.71 15.35 -27.76
CA ILE A 253 35.78 15.89 -28.76
C ILE A 253 35.28 17.26 -28.33
N TYR A 254 34.89 17.40 -27.07
CA TYR A 254 34.42 18.70 -26.61
C TYR A 254 35.54 19.65 -26.23
N GLY A 255 36.80 19.26 -26.40
CA GLY A 255 37.92 20.19 -26.34
C GLY A 255 38.51 20.46 -24.98
N ILE A 256 38.31 19.57 -24.01
CA ILE A 256 38.86 19.74 -22.67
C ILE A 256 39.98 18.73 -22.49
N ASP A 257 41.12 19.20 -21.99
CA ASP A 257 42.30 18.34 -21.84
C ASP A 257 42.11 17.37 -20.69
N PRO A 258 42.21 16.05 -20.91
CA PRO A 258 41.85 15.09 -19.86
C PRO A 258 42.88 14.93 -18.76
N ILE A 259 44.15 15.25 -19.01
CA ILE A 259 45.19 15.05 -18.01
C ILE A 259 45.06 16.08 -16.89
N SER A 260 44.81 17.35 -17.24
CA SER A 260 44.59 18.37 -16.22
C SER A 260 43.28 18.15 -15.48
N PHE A 261 42.27 17.60 -16.17
CA PHE A 261 41.00 17.26 -15.52
C PHE A 261 41.19 16.13 -14.50
N ILE A 262 41.93 15.08 -14.88
CA ILE A 262 42.12 13.96 -13.95
C ILE A 262 43.14 14.31 -12.88
N LYS A 263 43.93 15.37 -13.07
CA LYS A 263 44.76 15.89 -11.99
C LYS A 263 43.95 16.71 -11.01
N HIS A 264 42.98 17.49 -11.50
CA HIS A 264 42.16 18.30 -10.62
C HIS A 264 41.11 17.48 -9.90
N ALA A 265 40.65 16.37 -10.47
CA ALA A 265 39.60 15.55 -9.89
C ALA A 265 40.12 14.49 -8.92
N LYS A 266 41.37 14.65 -8.44
CA LYS A 266 42.00 13.61 -7.64
C LYS A 266 41.35 13.49 -6.26
N ASP A 267 40.98 14.62 -5.65
CA ASP A 267 40.32 14.58 -4.34
C ASP A 267 38.94 13.95 -4.45
N ALA A 268 38.17 14.32 -5.48
CA ALA A 268 36.82 13.81 -5.66
C ALA A 268 36.83 12.33 -6.05
N MET A 269 37.90 11.86 -6.67
CA MET A 269 38.01 10.42 -6.91
C MET A 269 38.44 9.67 -5.65
N LEU A 270 39.40 10.23 -4.90
CA LEU A 270 39.98 9.47 -3.80
C LEU A 270 39.07 9.40 -2.59
N THR A 271 38.31 10.47 -2.32
CA THR A 271 37.40 10.38 -1.18
C THR A 271 36.18 9.53 -1.50
N ALA A 272 35.85 9.34 -2.78
CA ALA A 272 34.82 8.38 -3.15
C ALA A 272 35.35 6.97 -3.16
N PHE A 273 36.65 6.78 -3.40
CA PHE A 273 37.25 5.46 -3.26
C PHE A 273 37.30 5.04 -1.80
N VAL A 274 37.66 5.95 -0.90
CA VAL A 274 37.73 5.61 0.52
C VAL A 274 36.34 5.52 1.13
N THR A 275 35.60 6.63 1.13
CA THR A 275 34.22 6.64 1.58
C THR A 275 33.35 6.33 0.36
N ARG A 276 32.82 5.11 0.30
CA ARG A 276 32.14 4.62 -0.90
C ARG A 276 30.71 5.16 -0.96
N SER A 277 30.61 6.46 -1.21
CA SER A 277 29.33 7.12 -1.28
C SER A 277 29.39 8.25 -2.31
N SER A 278 28.23 8.57 -2.88
CA SER A 278 28.14 9.70 -3.80
C SER A 278 27.60 10.95 -3.13
N SER A 279 26.62 10.79 -2.23
CA SER A 279 26.09 11.94 -1.51
C SER A 279 27.06 12.44 -0.46
N GLY A 280 27.93 11.56 0.05
CA GLY A 280 28.92 11.96 1.03
C GLY A 280 30.10 12.69 0.45
N THR A 281 30.30 12.62 -0.88
CA THR A 281 31.41 13.28 -1.55
C THR A 281 30.94 14.48 -2.37
N LEU A 282 29.72 14.94 -2.15
CA LEU A 282 29.16 16.08 -2.87
C LEU A 282 29.83 17.43 -2.55
N PRO A 283 30.18 17.77 -1.29
CA PRO A 283 30.98 19.00 -1.10
C PRO A 283 32.36 18.93 -1.70
N VAL A 284 33.00 17.75 -1.70
CA VAL A 284 34.31 17.61 -2.33
C VAL A 284 34.19 17.74 -3.85
N THR A 285 33.12 17.19 -4.42
CA THR A 285 32.89 17.32 -5.86
C THR A 285 32.57 18.76 -6.24
N MET A 286 31.84 19.47 -5.39
CA MET A 286 31.59 20.90 -5.63
C MET A 286 32.87 21.72 -5.52
N ARG A 287 33.77 21.34 -4.61
CA ARG A 287 35.04 22.03 -4.47
C ARG A 287 35.94 21.78 -5.68
N VAL A 288 35.94 20.55 -6.20
CA VAL A 288 36.72 20.22 -7.40
C VAL A 288 36.16 20.96 -8.62
N ALA A 289 34.84 21.04 -8.74
CA ALA A 289 34.26 21.80 -9.84
C ALA A 289 34.47 23.30 -9.66
N LYS A 290 34.64 23.77 -8.43
CA LYS A 290 34.99 25.18 -8.21
C LYS A 290 36.43 25.46 -8.64
N GLU A 291 37.35 24.53 -8.35
CA GLU A 291 38.73 24.67 -8.83
C GLU A 291 38.93 24.03 -10.20
N MET A 292 38.06 24.37 -11.14
CA MET A 292 38.23 23.93 -12.53
C MET A 292 37.94 25.01 -13.57
N GLY A 293 37.18 26.04 -13.24
CA GLY A 293 36.76 27.03 -14.20
C GLY A 293 35.32 26.89 -14.64
N ILE A 294 34.47 26.30 -13.81
CA ILE A 294 33.07 26.04 -14.14
C ILE A 294 32.21 27.16 -13.56
N SER A 295 31.24 27.63 -14.33
CA SER A 295 30.36 28.71 -13.89
C SER A 295 29.47 28.23 -12.75
N GLU A 296 29.00 29.20 -11.94
CA GLU A 296 28.35 28.89 -10.68
C GLU A 296 27.00 28.22 -10.87
N GLY A 297 26.16 28.78 -11.74
CA GLY A 297 24.86 28.21 -12.00
C GLY A 297 24.84 27.00 -12.90
N ILE A 298 26.01 26.53 -13.33
CA ILE A 298 26.12 25.35 -14.17
C ILE A 298 26.90 24.23 -13.49
N TYR A 299 27.47 24.48 -12.31
CA TYR A 299 27.93 23.39 -11.46
C TYR A 299 27.16 23.28 -10.16
N SER A 300 26.39 24.30 -9.78
CA SER A 300 25.56 24.24 -8.58
C SER A 300 24.21 23.60 -8.82
N PHE A 301 23.96 23.09 -10.03
CA PHE A 301 22.74 22.39 -10.38
C PHE A 301 22.97 20.95 -10.77
N THR A 302 24.08 20.66 -11.46
CA THR A 302 24.30 19.35 -12.05
C THR A 302 24.90 18.33 -11.08
N LEU A 303 25.71 18.77 -10.14
CA LEU A 303 26.35 17.83 -9.22
C LEU A 303 25.41 17.22 -8.19
N PRO A 304 24.44 17.94 -7.57
CA PRO A 304 23.41 17.22 -6.81
C PRO A 304 22.48 16.39 -7.68
N LEU A 305 22.34 16.73 -8.96
CA LEU A 305 21.62 15.87 -9.89
C LEU A 305 22.45 14.66 -10.30
N GLY A 306 23.75 14.86 -10.50
CA GLY A 306 24.65 13.78 -10.88
C GLY A 306 24.91 12.81 -9.75
N ALA A 307 24.80 13.24 -8.51
CA ALA A 307 24.91 12.32 -7.38
C ALA A 307 23.68 11.43 -7.22
N THR A 308 22.62 11.69 -7.99
CA THR A 308 21.39 10.92 -7.93
C THR A 308 21.13 10.10 -9.18
N ILE A 309 21.28 10.69 -10.36
CA ILE A 309 20.82 10.05 -11.60
C ILE A 309 21.98 9.60 -12.49
N ASN A 310 23.22 9.68 -12.02
CA ASN A 310 24.36 9.41 -12.90
C ASN A 310 25.26 8.31 -12.35
N MET A 311 24.67 7.17 -11.99
CA MET A 311 25.46 6.01 -11.60
C MET A 311 25.97 5.32 -12.85
N ASP A 312 27.23 5.56 -13.19
CA ASP A 312 27.85 5.02 -14.40
C ASP A 312 28.59 3.73 -14.14
N GLY A 313 29.24 3.59 -12.99
CA GLY A 313 29.96 2.38 -12.68
C GLY A 313 29.08 1.32 -12.08
N THR A 314 27.99 1.76 -11.45
CA THR A 314 27.03 0.83 -10.88
C THR A 314 26.31 0.06 -11.97
N ALA A 315 26.05 0.70 -13.11
CA ALA A 315 25.45 0.01 -14.25
C ALA A 315 26.43 -0.96 -14.90
N LEU A 316 27.73 -0.65 -14.88
CA LEU A 316 28.72 -1.60 -15.37
C LEU A 316 28.82 -2.80 -14.44
N TYR A 317 28.69 -2.56 -13.12
CA TYR A 317 28.63 -3.67 -12.17
C TYR A 317 27.37 -4.51 -12.37
N GLN A 318 26.25 -3.87 -12.76
CA GLN A 318 25.05 -4.62 -13.15
C GLN A 318 25.34 -5.53 -14.33
N GLY A 319 25.94 -4.97 -15.39
CA GLY A 319 26.20 -5.72 -16.59
C GLY A 319 27.18 -6.87 -16.41
N VAL A 320 28.11 -6.73 -15.46
CA VAL A 320 29.01 -7.85 -15.19
C VAL A 320 28.34 -8.87 -14.27
N ALA A 321 27.66 -8.42 -13.21
CA ALA A 321 27.12 -9.33 -12.21
C ALA A 321 25.92 -10.13 -12.69
N THR A 322 25.04 -9.55 -13.51
CA THR A 322 23.90 -10.31 -14.00
C THR A 322 24.29 -11.35 -15.04
N PHE A 323 25.50 -11.26 -15.60
CA PHE A 323 26.04 -12.32 -16.44
C PHE A 323 26.86 -13.32 -15.65
N PHE A 324 27.48 -12.89 -14.55
CA PHE A 324 28.15 -13.84 -13.66
C PHE A 324 27.14 -14.78 -13.00
N ILE A 325 26.01 -14.23 -12.54
CA ILE A 325 24.98 -15.06 -11.91
C ILE A 325 24.30 -15.96 -12.94
N ALA A 326 24.25 -15.53 -14.20
CA ALA A 326 23.70 -16.38 -15.25
C ALA A 326 24.66 -17.51 -15.61
N ASN A 327 25.95 -17.20 -15.74
CA ASN A 327 26.95 -18.21 -16.10
C ASN A 327 27.26 -19.17 -14.95
N ALA A 328 26.97 -18.78 -13.71
CA ALA A 328 27.17 -19.66 -12.57
C ALA A 328 25.99 -20.57 -12.31
N LEU A 329 25.02 -20.63 -13.23
CA LEU A 329 23.87 -21.52 -13.12
C LEU A 329 23.69 -22.40 -14.34
N GLY A 330 24.55 -22.30 -15.34
CA GLY A 330 24.46 -23.12 -16.54
C GLY A 330 23.68 -22.49 -17.67
N SER A 331 22.67 -21.69 -17.36
CA SER A 331 21.86 -21.05 -18.37
C SER A 331 22.60 -19.85 -18.96
N HIS A 332 22.00 -19.23 -19.97
CA HIS A 332 22.59 -18.05 -20.59
C HIS A 332 21.46 -17.12 -21.01
N LEU A 333 21.77 -15.82 -20.99
CA LEU A 333 20.76 -14.81 -21.28
C LEU A 333 20.65 -14.60 -22.79
N THR A 334 19.42 -14.54 -23.28
CA THR A 334 19.15 -14.37 -24.70
C THR A 334 19.14 -12.90 -25.07
N VAL A 335 19.35 -12.63 -26.36
CA VAL A 335 19.19 -11.27 -26.88
C VAL A 335 17.71 -10.93 -26.87
N GLY A 336 17.35 -9.91 -26.09
CA GLY A 336 15.97 -9.66 -25.69
C GLY A 336 15.76 -9.80 -24.20
N GLN A 337 16.68 -10.50 -23.53
CA GLN A 337 16.80 -10.48 -22.09
C GLN A 337 17.92 -9.57 -21.61
N GLN A 338 18.82 -9.18 -22.52
CA GLN A 338 19.90 -8.25 -22.22
C GLN A 338 19.45 -6.80 -22.35
N LEU A 339 18.52 -6.51 -23.26
CA LEU A 339 17.93 -5.19 -23.30
C LEU A 339 17.06 -4.93 -22.07
N THR A 340 16.54 -5.97 -21.44
CA THR A 340 15.90 -5.82 -20.14
C THR A 340 16.90 -5.41 -19.07
N ILE A 341 18.12 -5.94 -19.13
CA ILE A 341 19.20 -5.54 -18.22
C ILE A 341 19.57 -4.08 -18.45
N VAL A 342 19.67 -3.68 -19.72
CA VAL A 342 19.99 -2.29 -20.05
C VAL A 342 18.89 -1.33 -19.57
N LEU A 343 17.62 -1.70 -19.77
CA LEU A 343 16.50 -0.84 -19.37
C LEU A 343 16.40 -0.76 -17.85
N THR A 344 16.54 -1.88 -17.14
CA THR A 344 16.39 -1.93 -15.70
C THR A 344 17.69 -1.56 -14.99
N ALA A 345 18.75 -1.28 -15.74
CA ALA A 345 19.95 -0.68 -15.17
C ALA A 345 20.07 0.80 -15.48
N VAL A 346 19.35 1.31 -16.47
CA VAL A 346 19.24 2.74 -16.68
C VAL A 346 18.14 3.35 -15.82
N LEU A 347 16.94 2.75 -15.82
CA LEU A 347 15.83 3.34 -15.10
C LEU A 347 15.90 3.14 -13.59
N ALA A 348 16.74 2.21 -13.11
CA ALA A 348 16.86 2.03 -11.67
C ALA A 348 17.69 3.13 -11.05
N SER A 349 18.76 3.55 -11.72
CA SER A 349 19.63 4.62 -11.22
C SER A 349 19.14 5.97 -11.74
N ILE A 350 17.88 6.27 -11.44
CA ILE A 350 17.28 7.54 -11.79
C ILE A 350 16.79 8.31 -10.57
N GLY A 351 16.75 7.69 -9.39
CA GLY A 351 16.38 8.42 -8.21
C GLY A 351 17.16 8.09 -6.96
N THR A 352 18.03 7.09 -7.05
CA THR A 352 18.69 6.55 -5.86
C THR A 352 19.85 7.44 -5.46
N ALA A 353 19.76 8.06 -4.28
CA ALA A 353 20.88 8.79 -3.73
C ALA A 353 21.97 7.82 -3.28
N GLY A 354 23.22 8.27 -3.39
CA GLY A 354 24.35 7.41 -3.12
C GLY A 354 24.57 7.07 -1.66
N VAL A 355 24.25 5.85 -1.28
CA VAL A 355 24.53 5.32 0.05
C VAL A 355 25.38 4.08 -0.13
N PRO A 356 26.29 3.76 0.81
CA PRO A 356 27.23 2.65 0.57
C PRO A 356 26.54 1.30 0.66
N GLY A 357 26.70 0.50 -0.41
CA GLY A 357 26.21 -0.85 -0.43
C GLY A 357 24.82 -1.05 -0.98
N ALA A 358 24.35 -0.16 -1.84
CA ALA A 358 23.02 -0.28 -2.43
C ALA A 358 23.05 -0.87 -3.83
N GLY A 359 24.24 -1.11 -4.38
CA GLY A 359 24.34 -1.88 -5.61
C GLY A 359 23.90 -3.31 -5.44
N ALA A 360 24.02 -3.85 -4.22
CA ALA A 360 23.45 -5.15 -3.90
C ALA A 360 21.93 -5.16 -3.93
N ILE A 361 21.29 -4.00 -3.76
CA ILE A 361 19.85 -3.89 -3.90
C ILE A 361 19.45 -3.69 -5.36
N MET A 362 20.21 -2.86 -6.09
CA MET A 362 19.98 -2.70 -7.52
C MET A 362 20.25 -4.00 -8.29
N LEU A 363 21.09 -4.88 -7.75
CA LEU A 363 21.30 -6.18 -8.37
C LEU A 363 20.07 -7.06 -8.26
N CYS A 364 19.39 -7.05 -7.11
CA CYS A 364 18.13 -7.78 -7.02
C CYS A 364 17.04 -7.12 -7.86
N MET A 365 17.10 -5.79 -8.00
CA MET A 365 16.19 -5.09 -8.91
C MET A 365 16.38 -5.54 -10.35
N VAL A 366 17.63 -5.76 -10.76
CA VAL A 366 17.89 -6.20 -12.12
C VAL A 366 17.52 -7.68 -12.29
N LEU A 367 17.89 -8.51 -11.30
CA LEU A 367 17.67 -9.96 -11.40
C LEU A 367 16.20 -10.31 -11.35
N HIS A 368 15.39 -9.55 -10.61
CA HIS A 368 13.97 -9.86 -10.49
C HIS A 368 13.19 -9.55 -11.77
N SER A 369 13.77 -8.84 -12.72
CA SER A 369 13.12 -8.52 -13.98
C SER A 369 13.66 -9.32 -15.16
N VAL A 370 14.71 -10.11 -14.95
CA VAL A 370 15.31 -10.92 -16.02
C VAL A 370 14.67 -12.29 -16.09
N GLY A 371 14.44 -12.92 -14.94
CA GLY A 371 14.00 -14.29 -14.90
C GLY A 371 14.90 -15.11 -13.99
N LEU A 372 15.65 -14.40 -13.13
CA LEU A 372 16.53 -15.03 -12.14
C LEU A 372 16.13 -14.51 -10.76
N PRO A 373 15.00 -14.96 -10.21
CA PRO A 373 14.53 -14.42 -8.94
C PRO A 373 15.25 -15.03 -7.75
N LEU A 374 15.23 -14.30 -6.64
CA LEU A 374 15.92 -14.70 -5.42
C LEU A 374 15.15 -15.75 -4.61
N THR A 375 14.03 -16.27 -5.12
CA THR A 375 13.30 -17.31 -4.41
C THR A 375 13.82 -18.71 -4.73
N ASP A 376 14.32 -18.90 -5.96
CA ASP A 376 14.89 -20.19 -6.32
C ASP A 376 16.23 -20.38 -5.63
N PRO A 377 16.58 -21.60 -5.22
CA PRO A 377 17.77 -21.79 -4.36
C PRO A 377 19.10 -21.62 -5.08
N ASN A 378 19.15 -21.59 -6.41
CA ASN A 378 20.42 -21.44 -7.10
C ASN A 378 20.83 -19.98 -7.19
N VAL A 379 19.87 -19.09 -7.47
CA VAL A 379 20.17 -17.66 -7.54
C VAL A 379 20.48 -17.12 -6.16
N ALA A 380 19.91 -17.71 -5.11
CA ALA A 380 20.22 -17.29 -3.74
C ALA A 380 21.61 -17.70 -3.31
N ALA A 381 22.25 -18.64 -4.01
CA ALA A 381 23.64 -18.98 -3.77
C ALA A 381 24.59 -18.16 -4.64
N ALA A 382 24.22 -17.96 -5.91
CA ALA A 382 25.05 -17.13 -6.79
C ALA A 382 25.07 -15.68 -6.36
N TYR A 383 23.93 -15.17 -5.87
CA TYR A 383 23.88 -13.82 -5.33
C TYR A 383 24.67 -13.71 -4.04
N ALA A 384 24.76 -14.80 -3.26
CA ALA A 384 25.62 -14.81 -2.10
C ALA A 384 27.10 -14.73 -2.49
N MET A 385 27.48 -15.48 -3.54
CA MET A 385 28.85 -15.43 -4.04
C MET A 385 29.22 -14.06 -4.60
N ILE A 386 28.27 -13.36 -5.23
CA ILE A 386 28.56 -12.02 -5.73
C ILE A 386 28.39 -10.95 -4.65
N LEU A 387 27.68 -11.24 -3.57
CA LEU A 387 27.49 -10.31 -2.47
C LEU A 387 28.65 -10.33 -1.48
N GLY A 388 29.34 -11.47 -1.37
CA GLY A 388 30.46 -11.57 -0.45
C GLY A 388 31.66 -10.70 -0.81
N ILE A 389 31.76 -10.27 -2.06
CA ILE A 389 32.88 -9.43 -2.49
C ILE A 389 32.37 -8.06 -2.92
N ASP A 390 31.29 -7.60 -2.30
CA ASP A 390 30.70 -6.32 -2.65
C ASP A 390 31.56 -5.14 -2.20
N ALA A 391 32.28 -5.30 -1.09
CA ALA A 391 33.05 -4.18 -0.54
C ALA A 391 34.29 -3.88 -1.36
N ILE A 392 34.90 -4.89 -1.98
CA ILE A 392 36.06 -4.64 -2.84
C ILE A 392 35.66 -4.25 -4.26
N LEU A 393 34.36 -4.10 -4.52
CA LEU A 393 33.87 -3.58 -5.79
C LEU A 393 33.21 -2.22 -5.65
N ASP A 394 32.68 -1.90 -4.46
CA ASP A 394 31.99 -0.63 -4.25
C ASP A 394 32.96 0.56 -4.34
N MET A 395 34.19 0.38 -3.85
CA MET A 395 35.21 1.42 -3.95
C MET A 395 35.58 1.69 -5.39
N GLY A 396 35.53 0.68 -6.25
CA GLY A 396 35.77 0.91 -7.67
C GLY A 396 34.60 1.59 -8.34
N ARG A 397 33.38 1.11 -8.07
CA ARG A 397 32.22 1.60 -8.79
C ARG A 397 31.61 2.86 -8.20
N THR A 398 32.22 3.43 -7.16
CA THR A 398 31.84 4.76 -6.70
C THR A 398 32.74 5.86 -7.27
N MET A 399 34.00 5.53 -7.56
CA MET A 399 34.96 6.50 -8.07
C MET A 399 34.58 6.99 -9.46
N VAL A 400 34.24 6.08 -10.36
CA VAL A 400 33.78 6.46 -11.69
C VAL A 400 32.38 7.08 -11.63
N ASN A 401 31.58 6.70 -10.64
CA ASN A 401 30.27 7.31 -10.42
C ASN A 401 30.39 8.79 -10.07
N VAL A 402 31.44 9.16 -9.33
CA VAL A 402 31.69 10.57 -9.05
C VAL A 402 32.45 11.25 -10.19
N THR A 403 33.31 10.51 -10.91
CA THR A 403 34.07 11.07 -12.03
C THR A 403 33.15 11.48 -13.19
N GLY A 404 32.11 10.70 -13.46
CA GLY A 404 31.17 11.04 -14.52
C GLY A 404 30.39 12.32 -14.26
N ASP A 405 30.21 12.66 -12.98
CA ASP A 405 29.55 13.91 -12.60
C ASP A 405 30.37 15.12 -13.08
N LEU A 406 31.65 15.14 -12.73
CA LEU A 406 32.53 16.21 -13.16
C LEU A 406 32.74 16.21 -14.67
N THR A 407 32.76 15.03 -15.30
CA THR A 407 32.89 14.96 -16.76
C THR A 407 31.69 15.59 -17.45
N GLY A 408 30.47 15.24 -17.02
CA GLY A 408 29.28 15.84 -17.58
C GLY A 408 29.14 17.31 -17.27
N THR A 409 29.57 17.73 -16.07
CA THR A 409 29.53 19.15 -15.71
C THR A 409 30.47 19.96 -16.59
N ALA A 410 31.68 19.44 -16.86
CA ALA A 410 32.62 20.15 -17.72
C ALA A 410 32.16 20.17 -19.17
N ILE A 411 31.55 19.08 -19.65
CA ILE A 411 31.05 19.03 -21.02
C ILE A 411 29.89 20.01 -21.21
N VAL A 412 28.97 20.06 -20.24
CA VAL A 412 27.84 20.99 -20.33
C VAL A 412 28.32 22.43 -20.13
N ALA A 413 29.39 22.63 -19.36
CA ALA A 413 29.91 23.98 -19.16
C ALA A 413 30.58 24.52 -20.41
N LYS A 414 31.40 23.71 -21.06
CA LYS A 414 32.10 24.21 -22.26
C LYS A 414 31.30 23.90 -23.54
N THR A 415 30.00 24.22 -23.52
CA THR A 415 29.23 24.30 -24.75
C THR A 415 28.18 25.40 -24.72
N GLU A 416 28.12 26.21 -23.67
CA GLU A 416 27.13 27.28 -23.57
C GLU A 416 27.75 28.66 -23.47
N GLY A 417 28.69 28.87 -22.56
CA GLY A 417 29.33 30.17 -22.40
C GLY A 417 30.30 30.50 -23.52
N GLY B 2 8.05 20.73 -35.63
CA GLY B 2 7.53 20.41 -34.31
C GLY B 2 6.29 19.55 -34.36
N LEU B 3 6.48 18.25 -34.65
CA LEU B 3 5.35 17.33 -34.78
C LEU B 3 4.70 17.06 -33.42
N TYR B 4 5.50 16.98 -32.36
CA TYR B 4 4.96 16.73 -31.04
C TYR B 4 4.15 17.93 -30.54
N ARG B 5 4.68 19.14 -30.68
CA ARG B 5 3.95 20.33 -30.28
C ARG B 5 2.78 20.62 -31.21
N LYS B 6 2.80 20.12 -32.45
CA LYS B 6 1.61 20.14 -33.27
C LYS B 6 0.56 19.16 -32.75
N TYR B 7 0.99 17.99 -32.27
CA TYR B 7 0.05 16.95 -31.87
C TYR B 7 -0.63 17.29 -30.55
N ILE B 8 0.12 17.83 -29.59
CA ILE B 8 -0.47 18.10 -28.27
C ILE B 8 -1.35 19.33 -28.29
N GLU B 9 -0.92 20.39 -29.00
CA GLU B 9 -1.70 21.63 -29.06
C GLU B 9 -2.99 21.49 -29.87
N TYR B 10 -3.09 20.46 -30.70
CA TYR B 10 -4.34 20.17 -31.39
C TYR B 10 -5.38 19.71 -30.37
N PRO B 11 -6.65 20.08 -30.52
CA PRO B 11 -7.67 19.70 -29.54
C PRO B 11 -7.93 18.21 -29.51
N VAL B 12 -8.47 17.75 -28.38
CA VAL B 12 -8.54 16.32 -28.09
C VAL B 12 -9.71 15.68 -28.80
N LEU B 13 -10.89 16.33 -28.77
CA LEU B 13 -12.13 15.72 -29.23
C LEU B 13 -12.13 15.48 -30.73
N GLN B 14 -11.69 16.48 -31.50
CA GLN B 14 -11.57 16.31 -32.96
C GLN B 14 -10.52 15.28 -33.31
N LYS B 15 -9.48 15.16 -32.48
CA LYS B 15 -8.44 14.16 -32.71
C LYS B 15 -8.97 12.74 -32.51
N ILE B 16 -9.77 12.53 -31.46
CA ILE B 16 -10.34 11.20 -31.23
C ILE B 16 -11.39 10.87 -32.29
N LEU B 17 -12.15 11.88 -32.74
CA LEU B 17 -13.13 11.64 -33.82
C LEU B 17 -12.44 11.29 -35.13
N ILE B 18 -11.32 11.96 -35.44
CA ILE B 18 -10.54 11.65 -36.64
C ILE B 18 -9.95 10.24 -36.54
N GLY B 19 -9.42 9.88 -35.37
CA GLY B 19 -8.88 8.54 -35.18
C GLY B 19 -9.95 7.46 -35.27
N LEU B 20 -11.15 7.76 -34.79
CA LEU B 20 -12.27 6.81 -34.88
C LEU B 20 -12.71 6.60 -36.32
N ILE B 21 -12.84 7.69 -37.09
CA ILE B 21 -13.30 7.57 -38.47
C ILE B 21 -12.26 6.86 -39.32
N LEU B 22 -10.98 7.24 -39.19
CA LEU B 22 -9.91 6.56 -39.91
C LEU B 22 -9.72 5.12 -39.47
N GLY B 23 -10.00 4.82 -38.19
CA GLY B 23 -9.91 3.44 -37.73
C GLY B 23 -10.99 2.57 -38.33
N ALA B 24 -12.22 3.08 -38.41
CA ALA B 24 -13.30 2.34 -39.04
C ALA B 24 -13.05 2.13 -40.52
N ILE B 25 -12.50 3.15 -41.20
CA ILE B 25 -12.24 3.05 -42.64
C ILE B 25 -11.14 2.03 -42.92
N VAL B 26 -10.00 2.15 -42.22
CA VAL B 26 -8.87 1.25 -42.43
C VAL B 26 -9.23 -0.17 -42.00
N GLY B 27 -10.03 -0.32 -40.95
CA GLY B 27 -10.45 -1.65 -40.51
C GLY B 27 -11.37 -2.34 -41.50
N LEU B 28 -12.33 -1.61 -42.07
CA LEU B 28 -13.22 -2.22 -43.06
C LEU B 28 -12.48 -2.53 -44.37
N ILE B 29 -11.55 -1.65 -44.77
CA ILE B 29 -10.80 -1.89 -46.01
C ILE B 29 -9.85 -3.09 -45.87
N LEU B 30 -9.14 -3.18 -44.73
CA LEU B 30 -8.31 -4.35 -44.51
C LEU B 30 -9.10 -5.60 -44.15
N GLY B 31 -10.37 -5.46 -43.76
CA GLY B 31 -11.20 -6.63 -43.58
C GLY B 31 -11.81 -7.17 -44.86
N HIS B 32 -11.97 -6.32 -45.88
CA HIS B 32 -12.43 -6.83 -47.17
C HIS B 32 -11.34 -7.60 -47.91
N TYR B 33 -10.07 -7.27 -47.70
CA TYR B 33 -8.97 -7.91 -48.41
C TYR B 33 -8.46 -9.16 -47.70
N GLY B 34 -9.13 -9.62 -46.65
CA GLY B 34 -8.66 -10.78 -45.92
C GLY B 34 -7.41 -10.57 -45.11
N TYR B 35 -7.12 -9.33 -44.72
CA TYR B 35 -5.89 -8.97 -44.02
C TYR B 35 -6.11 -8.85 -42.51
N ALA B 36 -6.99 -9.69 -41.95
CA ALA B 36 -7.40 -9.51 -40.56
C ALA B 36 -6.29 -9.91 -39.58
N HIS B 37 -5.55 -10.98 -39.89
CA HIS B 37 -4.50 -11.42 -38.97
C HIS B 37 -3.32 -10.46 -38.97
N ALA B 38 -3.04 -9.83 -40.12
CA ALA B 38 -1.92 -8.89 -40.21
C ALA B 38 -2.24 -7.60 -39.45
N VAL B 39 -3.44 -7.06 -39.64
CA VAL B 39 -3.84 -5.86 -38.92
C VAL B 39 -4.01 -6.17 -37.43
N HIS B 40 -4.37 -7.41 -37.09
CA HIS B 40 -4.39 -7.86 -35.70
C HIS B 40 -3.01 -7.77 -35.08
N THR B 41 -2.05 -8.54 -35.61
CA THR B 41 -0.75 -8.68 -34.98
C THR B 41 0.12 -7.44 -35.15
N TYR B 42 -0.25 -6.50 -36.00
CA TYR B 42 0.54 -5.30 -36.15
C TYR B 42 -0.14 -4.01 -35.69
N VAL B 43 -1.43 -4.04 -35.32
CA VAL B 43 -2.16 -2.84 -34.93
C VAL B 43 -2.78 -2.98 -33.54
N LYS B 44 -3.42 -4.13 -33.25
CA LYS B 44 -4.12 -4.37 -31.98
C LYS B 44 -3.32 -4.15 -30.68
N PRO B 45 -1.98 -4.37 -30.62
CA PRO B 45 -1.24 -4.00 -29.39
C PRO B 45 -1.31 -2.55 -28.96
N PHE B 46 -1.54 -1.60 -29.86
CA PHE B 46 -1.68 -0.21 -29.44
C PHE B 46 -2.98 -0.01 -28.65
N GLY B 47 -4.08 -0.59 -29.12
CA GLY B 47 -5.31 -0.56 -28.36
C GLY B 47 -5.24 -1.37 -27.08
N ASP B 48 -4.46 -2.45 -27.09
CA ASP B 48 -4.20 -3.19 -25.84
C ASP B 48 -3.41 -2.35 -24.85
N LEU B 49 -2.49 -1.52 -25.32
CA LEU B 49 -1.75 -0.62 -24.44
C LEU B 49 -2.67 0.45 -23.86
N PHE B 50 -3.61 0.95 -24.68
CA PHE B 50 -4.60 1.92 -24.18
C PHE B 50 -5.49 1.30 -23.10
N VAL B 51 -5.97 0.07 -23.35
CA VAL B 51 -6.81 -0.64 -22.39
C VAL B 51 -6.03 -0.93 -21.11
N ARG B 52 -4.74 -1.28 -21.23
CA ARG B 52 -3.93 -1.55 -20.05
C ARG B 52 -3.62 -0.29 -19.26
N LEU B 53 -3.49 0.86 -19.92
CA LEU B 53 -3.30 2.12 -19.19
C LEU B 53 -4.54 2.50 -18.40
N LEU B 54 -5.72 2.32 -19.00
CA LEU B 54 -6.96 2.61 -18.27
C LEU B 54 -7.16 1.63 -17.11
N CYS B 55 -6.85 0.34 -17.31
CA CYS B 55 -6.96 -0.63 -16.24
C CYS B 55 -5.92 -0.40 -15.14
N MET B 56 -4.75 0.17 -15.48
CA MET B 56 -3.82 0.62 -14.45
C MET B 56 -4.43 1.75 -13.63
N LEU B 57 -5.09 2.69 -14.29
CA LEU B 57 -5.63 3.83 -13.58
C LEU B 57 -6.94 3.56 -12.86
N VAL B 58 -7.50 2.36 -12.95
CA VAL B 58 -8.76 2.06 -12.24
C VAL B 58 -8.60 2.23 -10.72
N MET B 59 -7.78 1.39 -10.08
CA MET B 59 -7.86 1.20 -8.62
C MET B 59 -7.39 2.34 -7.71
N PRO B 60 -6.28 3.07 -8.00
CA PRO B 60 -5.97 4.24 -7.16
C PRO B 60 -7.01 5.34 -7.24
N ILE B 61 -7.68 5.50 -8.39
CA ILE B 61 -8.80 6.44 -8.48
C ILE B 61 -9.93 6.02 -7.55
N VAL B 62 -10.22 4.72 -7.48
CA VAL B 62 -11.25 4.18 -6.57
C VAL B 62 -10.92 4.56 -5.13
N PHE B 63 -9.74 4.17 -4.66
CA PHE B 63 -9.39 4.37 -3.25
C PHE B 63 -9.29 5.85 -2.90
N ALA B 64 -8.48 6.61 -3.64
CA ALA B 64 -8.23 8.01 -3.27
C ALA B 64 -9.45 8.88 -3.51
N SER B 65 -10.15 8.70 -4.64
CA SER B 65 -11.33 9.49 -4.93
C SER B 65 -12.46 9.22 -3.95
N LEU B 66 -12.65 7.96 -3.53
CA LEU B 66 -13.71 7.74 -2.57
C LEU B 66 -13.34 8.17 -1.16
N VAL B 67 -12.05 8.17 -0.80
CA VAL B 67 -11.65 8.73 0.49
C VAL B 67 -11.92 10.24 0.52
N VAL B 68 -11.55 10.94 -0.55
CA VAL B 68 -11.76 12.39 -0.62
C VAL B 68 -13.25 12.73 -0.71
N GLY B 69 -14.01 11.95 -1.48
CA GLY B 69 -15.42 12.25 -1.65
C GLY B 69 -16.26 11.90 -0.44
N ALA B 70 -15.92 10.80 0.25
CA ALA B 70 -16.55 10.55 1.54
C ALA B 70 -16.09 11.53 2.59
N ALA B 71 -14.92 12.16 2.40
CA ALA B 71 -14.55 13.27 3.26
C ALA B 71 -15.29 14.55 2.90
N SER B 72 -15.87 14.64 1.71
CA SER B 72 -16.63 15.81 1.30
C SER B 72 -18.13 15.63 1.44
N ILE B 73 -18.61 14.44 1.81
CA ILE B 73 -20.03 14.14 1.91
C ILE B 73 -20.43 13.73 3.33
N SER B 74 -19.46 13.67 4.25
CA SER B 74 -19.62 13.00 5.53
C SER B 74 -20.62 13.71 6.44
N PRO B 75 -21.37 12.95 7.26
CA PRO B 75 -22.33 13.57 8.18
C PRO B 75 -21.69 14.29 9.36
N ALA B 76 -20.37 14.31 9.49
CA ALA B 76 -19.73 15.07 10.56
C ALA B 76 -19.81 16.57 10.31
N ARG B 77 -19.75 16.99 9.04
CA ARG B 77 -19.87 18.40 8.68
C ARG B 77 -20.90 18.54 7.57
N LEU B 78 -22.17 18.60 7.95
CA LEU B 78 -23.27 18.84 7.02
C LEU B 78 -24.38 19.58 7.75
N GLY B 79 -24.96 20.56 7.08
CA GLY B 79 -26.11 21.28 7.59
C GLY B 79 -27.41 20.69 7.10
N ARG B 80 -28.42 21.55 6.96
CA ARG B 80 -29.69 21.11 6.39
C ARG B 80 -29.62 21.09 4.87
N VAL B 81 -28.95 22.08 4.28
CA VAL B 81 -28.80 22.14 2.82
C VAL B 81 -27.95 20.99 2.32
N GLY B 82 -26.93 20.60 3.10
CA GLY B 82 -26.04 19.53 2.70
C GLY B 82 -26.75 18.18 2.62
N VAL B 83 -27.48 17.82 3.67
CA VAL B 83 -28.24 16.57 3.66
C VAL B 83 -29.36 16.64 2.61
N LYS B 84 -29.98 17.83 2.49
CA LYS B 84 -31.10 18.02 1.58
C LYS B 84 -30.69 17.86 0.12
N ILE B 85 -29.45 18.20 -0.24
CA ILE B 85 -29.02 18.00 -1.61
C ILE B 85 -28.24 16.70 -1.81
N VAL B 86 -27.64 16.14 -0.75
CA VAL B 86 -26.93 14.87 -0.90
C VAL B 86 -27.92 13.72 -1.08
N VAL B 87 -29.04 13.75 -0.35
CA VAL B 87 -30.03 12.69 -0.55
C VAL B 87 -30.71 12.84 -1.91
N TYR B 88 -30.81 14.07 -2.44
CA TYR B 88 -31.32 14.28 -3.79
C TYR B 88 -30.36 13.72 -4.83
N TYR B 89 -29.06 13.98 -4.66
CA TYR B 89 -28.06 13.54 -5.62
C TYR B 89 -27.96 12.03 -5.68
N LEU B 90 -27.96 11.37 -4.51
CA LEU B 90 -27.88 9.91 -4.50
C LEU B 90 -29.17 9.26 -5.01
N LEU B 91 -30.33 9.80 -4.61
CA LEU B 91 -31.60 9.24 -5.08
C LEU B 91 -31.86 9.52 -6.55
N THR B 92 -31.20 10.53 -7.12
CA THR B 92 -31.30 10.78 -8.55
C THR B 92 -30.33 9.91 -9.34
N SER B 93 -29.13 9.66 -8.80
CA SER B 93 -28.18 8.78 -9.48
C SER B 93 -28.68 7.33 -9.52
N ALA B 94 -29.37 6.89 -8.45
CA ALA B 94 -29.90 5.53 -8.45
C ALA B 94 -31.03 5.37 -9.47
N PHE B 95 -31.90 6.37 -9.59
CA PHE B 95 -32.97 6.28 -10.58
C PHE B 95 -32.44 6.47 -11.99
N ALA B 96 -31.31 7.17 -12.13
CA ALA B 96 -30.69 7.31 -13.45
C ALA B 96 -30.07 5.99 -13.91
N VAL B 97 -29.41 5.26 -13.00
CA VAL B 97 -28.86 3.97 -13.42
C VAL B 97 -29.97 2.94 -13.60
N THR B 98 -31.09 3.09 -12.88
CA THR B 98 -32.24 2.21 -13.14
C THR B 98 -32.87 2.52 -14.49
N LEU B 99 -32.93 3.79 -14.88
CA LEU B 99 -33.38 4.15 -16.22
C LEU B 99 -32.41 3.67 -17.28
N GLY B 100 -31.11 3.59 -16.96
CA GLY B 100 -30.16 2.99 -17.88
C GLY B 100 -30.39 1.51 -18.09
N ILE B 101 -30.72 0.78 -17.01
CA ILE B 101 -31.11 -0.62 -17.11
C ILE B 101 -32.37 -0.77 -17.97
N ILE B 102 -33.34 0.12 -17.77
CA ILE B 102 -34.60 0.08 -18.52
C ILE B 102 -34.36 0.35 -20.00
N MET B 103 -33.53 1.36 -20.31
CA MET B 103 -33.24 1.68 -21.70
C MET B 103 -32.33 0.65 -22.36
N ALA B 104 -31.58 -0.11 -21.58
CA ALA B 104 -30.83 -1.21 -22.17
C ALA B 104 -31.71 -2.43 -22.40
N ARG B 105 -32.77 -2.58 -21.61
CA ARG B 105 -33.71 -3.67 -21.84
C ARG B 105 -34.66 -3.36 -23.00
N LEU B 106 -35.05 -2.08 -23.17
CA LEU B 106 -36.01 -1.73 -24.20
C LEU B 106 -35.37 -1.79 -25.59
N PHE B 107 -34.09 -1.47 -25.70
CA PHE B 107 -33.34 -1.71 -26.92
C PHE B 107 -32.71 -3.10 -26.81
N ASN B 108 -31.80 -3.43 -27.72
CA ASN B 108 -31.00 -4.65 -27.63
C ASN B 108 -29.57 -4.32 -28.03
N PRO B 109 -28.78 -3.77 -27.11
CA PRO B 109 -27.40 -3.40 -27.44
C PRO B 109 -26.51 -4.63 -27.48
N GLY B 110 -25.88 -4.87 -28.63
CA GLY B 110 -24.93 -5.95 -28.75
C GLY B 110 -25.52 -7.34 -28.87
N ALA B 111 -26.77 -7.45 -29.32
CA ALA B 111 -27.31 -8.76 -29.61
C ALA B 111 -26.80 -9.24 -30.97
N GLY B 112 -27.07 -10.51 -31.27
CA GLY B 112 -26.61 -11.07 -32.54
C GLY B 112 -25.14 -11.45 -32.63
N ILE B 113 -24.25 -10.53 -32.26
CA ILE B 113 -22.82 -10.82 -32.27
C ILE B 113 -22.47 -11.77 -31.15
N HIS B 114 -21.54 -12.68 -31.42
CA HIS B 114 -21.05 -13.66 -30.45
C HIS B 114 -19.54 -13.56 -30.42
N LEU B 115 -18.99 -13.19 -29.25
CA LEU B 115 -17.60 -12.78 -29.13
C LEU B 115 -16.69 -13.89 -28.63
N ALA B 116 -16.93 -15.14 -29.03
CA ALA B 116 -16.05 -16.23 -28.64
C ALA B 116 -14.73 -16.13 -29.39
N VAL B 117 -13.80 -15.32 -28.87
CA VAL B 117 -12.56 -15.07 -29.59
C VAL B 117 -11.57 -16.22 -29.46
N GLY B 118 -11.62 -16.97 -28.35
CA GLY B 118 -10.76 -18.09 -28.16
C GLY B 118 -11.34 -19.43 -28.59
N GLY B 119 -12.54 -19.41 -29.16
CA GLY B 119 -13.24 -20.63 -29.52
C GLY B 119 -14.23 -21.11 -28.49
N GLN B 120 -14.30 -20.49 -27.33
CA GLN B 120 -15.27 -20.83 -26.30
C GLN B 120 -15.99 -19.57 -25.83
N GLN B 121 -17.26 -19.72 -25.47
CA GLN B 121 -18.01 -18.62 -24.92
C GLN B 121 -17.63 -18.39 -23.46
N PHE B 122 -17.82 -17.16 -23.00
CA PHE B 122 -17.59 -16.84 -21.60
C PHE B 122 -18.73 -17.42 -20.77
N GLN B 123 -18.43 -18.41 -19.94
CA GLN B 123 -19.42 -18.97 -19.04
C GLN B 123 -19.32 -18.27 -17.70
N PRO B 124 -20.41 -17.72 -17.16
CA PRO B 124 -20.32 -17.04 -15.87
C PRO B 124 -20.15 -18.03 -14.72
N HIS B 125 -19.29 -17.67 -13.77
CA HIS B 125 -19.14 -18.49 -12.58
C HIS B 125 -20.40 -18.37 -11.73
N GLN B 126 -20.73 -19.46 -11.04
CA GLN B 126 -21.98 -19.55 -10.29
C GLN B 126 -21.97 -18.59 -9.10
N ALA B 127 -23.09 -17.91 -8.90
CA ALA B 127 -23.16 -16.89 -7.88
C ALA B 127 -23.22 -17.51 -6.49
N PRO B 128 -22.58 -16.88 -5.50
CA PRO B 128 -22.75 -17.31 -4.11
C PRO B 128 -24.12 -16.94 -3.59
N PRO B 129 -24.51 -17.41 -2.40
CA PRO B 129 -25.75 -16.92 -1.79
C PRO B 129 -25.72 -15.43 -1.49
N LEU B 130 -26.90 -14.89 -1.21
CA LEU B 130 -27.06 -13.44 -1.06
C LEU B 130 -26.34 -12.94 0.19
N VAL B 131 -26.38 -13.72 1.28
CA VAL B 131 -25.71 -13.28 2.49
C VAL B 131 -24.19 -13.41 2.36
N HIS B 132 -23.70 -14.26 1.46
CA HIS B 132 -22.26 -14.36 1.25
C HIS B 132 -21.72 -13.12 0.56
N ILE B 133 -22.44 -12.58 -0.44
CA ILE B 133 -21.95 -11.37 -1.08
C ILE B 133 -22.21 -10.15 -0.18
N LEU B 134 -23.30 -10.16 0.61
CA LEU B 134 -23.56 -9.05 1.51
C LEU B 134 -22.60 -9.03 2.70
N LEU B 135 -21.98 -10.16 3.03
CA LEU B 135 -20.89 -10.17 4.00
C LEU B 135 -19.53 -9.94 3.35
N ASP B 136 -19.36 -10.32 2.09
CA ASP B 136 -18.12 -10.09 1.36
C ASP B 136 -18.00 -8.69 0.81
N ILE B 137 -19.02 -7.84 1.00
CA ILE B 137 -18.81 -6.40 0.80
C ILE B 137 -17.78 -5.89 1.80
N VAL B 138 -17.86 -6.32 3.05
CA VAL B 138 -16.88 -5.92 4.06
C VAL B 138 -15.61 -6.77 3.87
N PRO B 139 -14.44 -6.15 3.73
CA PRO B 139 -13.23 -6.93 3.48
C PRO B 139 -12.67 -7.56 4.75
N THR B 140 -11.93 -8.65 4.56
CA THR B 140 -11.13 -9.23 5.62
C THR B 140 -9.77 -8.52 5.73
N ASN B 141 -9.25 -8.02 4.63
CA ASN B 141 -7.98 -7.31 4.61
C ASN B 141 -8.11 -6.11 3.69
N PRO B 142 -7.93 -4.88 4.19
CA PRO B 142 -8.03 -3.70 3.30
C PRO B 142 -6.90 -3.62 2.30
N PHE B 143 -5.66 -3.89 2.74
CA PHE B 143 -4.56 -4.00 1.78
C PHE B 143 -4.72 -5.22 0.89
N GLY B 144 -5.32 -6.29 1.41
CA GLY B 144 -5.58 -7.46 0.59
C GLY B 144 -6.62 -7.21 -0.47
N ALA B 145 -7.73 -6.58 -0.10
CA ALA B 145 -8.76 -6.23 -1.08
C ALA B 145 -8.29 -5.15 -2.03
N LEU B 146 -7.35 -4.33 -1.60
CA LEU B 146 -6.75 -3.34 -2.48
C LEU B 146 -5.71 -3.94 -3.42
N ALA B 147 -5.15 -5.10 -3.08
CA ALA B 147 -4.02 -5.64 -3.81
C ALA B 147 -4.42 -6.61 -4.93
N ASN B 148 -5.69 -7.03 -5.03
CA ASN B 148 -6.11 -7.80 -6.21
C ASN B 148 -7.60 -7.53 -6.48
N GLY B 149 -7.85 -6.52 -7.32
CA GLY B 149 -9.21 -6.25 -7.79
C GLY B 149 -10.09 -5.74 -6.67
N GLN B 150 -11.29 -6.35 -6.57
CA GLN B 150 -12.21 -6.24 -5.45
C GLN B 150 -12.64 -4.78 -5.20
N VAL B 151 -13.41 -4.27 -6.18
CA VAL B 151 -13.81 -2.87 -6.19
C VAL B 151 -14.73 -2.54 -5.02
N LEU B 152 -15.71 -3.39 -4.73
CA LEU B 152 -16.67 -3.13 -3.64
C LEU B 152 -16.07 -3.12 -2.23
N PRO B 153 -15.14 -4.04 -1.84
CA PRO B 153 -14.51 -3.86 -0.52
C PRO B 153 -13.62 -2.63 -0.42
N THR B 154 -12.93 -2.26 -1.51
CA THR B 154 -12.16 -1.01 -1.52
C THR B 154 -13.07 0.20 -1.39
N ILE B 155 -14.25 0.14 -2.01
CA ILE B 155 -15.24 1.22 -1.91
C ILE B 155 -15.72 1.36 -0.47
N PHE B 156 -16.04 0.23 0.19
CA PHE B 156 -16.51 0.27 1.56
C PHE B 156 -15.45 0.80 2.51
N PHE B 157 -14.22 0.29 2.39
CA PHE B 157 -13.13 0.72 3.26
C PHE B 157 -12.77 2.18 3.03
N ALA B 158 -12.86 2.67 1.79
CA ALA B 158 -12.53 4.05 1.51
C ALA B 158 -13.59 5.00 2.08
N ILE B 159 -14.87 4.63 1.97
CA ILE B 159 -15.94 5.47 2.53
C ILE B 159 -15.84 5.53 4.04
N ILE B 160 -15.55 4.38 4.68
CA ILE B 160 -15.42 4.34 6.14
C ILE B 160 -14.20 5.14 6.59
N LEU B 161 -13.08 5.05 5.86
CA LEU B 161 -11.87 5.79 6.22
C LEU B 161 -12.06 7.29 6.04
N GLY B 162 -12.81 7.72 5.02
CA GLY B 162 -13.05 9.14 4.84
C GLY B 162 -13.96 9.73 5.91
N ILE B 163 -15.01 8.99 6.28
CA ILE B 163 -15.90 9.43 7.36
C ILE B 163 -15.14 9.49 8.68
N ALA B 164 -14.22 8.54 8.90
CA ALA B 164 -13.39 8.58 10.11
C ALA B 164 -12.40 9.73 10.10
N ILE B 165 -11.88 10.10 8.93
CA ILE B 165 -10.98 11.26 8.83
C ILE B 165 -11.70 12.54 9.19
N THR B 166 -12.93 12.72 8.68
CA THR B 166 -13.69 13.93 9.05
C THR B 166 -14.14 13.92 10.50
N TYR B 167 -14.41 12.75 11.07
CA TYR B 167 -14.70 12.72 12.50
C TYR B 167 -13.45 12.95 13.33
N LEU B 168 -12.27 12.71 12.75
CA LEU B 168 -11.01 12.96 13.43
C LEU B 168 -10.61 14.42 13.38
N MET B 169 -11.02 15.16 12.34
CA MET B 169 -10.62 16.55 12.19
C MET B 169 -11.47 17.53 13.01
N ASN B 170 -12.29 17.05 13.94
CA ASN B 170 -13.11 17.92 14.77
C ASN B 170 -12.94 17.62 16.25
N SER B 171 -11.75 17.17 16.65
CA SER B 171 -11.47 16.84 18.04
C SER B 171 -10.71 17.97 18.72
N GLU B 172 -10.63 17.88 20.05
CA GLU B 172 -10.00 18.94 20.83
C GLU B 172 -8.49 18.88 20.79
N ASN B 173 -7.91 17.73 20.46
CA ASN B 173 -6.47 17.60 20.36
C ASN B 173 -5.94 18.32 19.12
N GLU B 174 -4.64 18.56 19.10
CA GLU B 174 -3.97 19.25 18.01
C GLU B 174 -3.15 18.32 17.13
N LYS B 175 -2.47 17.34 17.75
CA LYS B 175 -1.62 16.42 17.02
C LYS B 175 -2.43 15.52 16.11
N VAL B 176 -3.58 15.01 16.58
CA VAL B 176 -4.39 14.16 15.73
C VAL B 176 -5.12 14.97 14.66
N ARG B 177 -5.35 16.27 14.90
CA ARG B 177 -5.95 17.12 13.88
C ARG B 177 -4.98 17.37 12.74
N LYS B 178 -3.73 17.72 13.08
CA LYS B 178 -2.71 17.88 12.06
C LYS B 178 -2.39 16.57 11.35
N SER B 179 -2.48 15.45 12.07
CA SER B 179 -2.23 14.15 11.46
C SER B 179 -3.32 13.76 10.47
N ALA B 180 -4.59 13.99 10.83
CA ALA B 180 -5.69 13.71 9.92
C ALA B 180 -5.66 14.64 8.71
N GLU B 181 -5.27 15.91 8.92
CA GLU B 181 -5.14 16.83 7.80
C GLU B 181 -4.03 16.42 6.86
N THR B 182 -2.91 15.92 7.40
CA THR B 182 -1.79 15.48 6.59
C THR B 182 -2.15 14.23 5.78
N LEU B 183 -2.86 13.28 6.41
CA LEU B 183 -3.27 12.07 5.69
C LEU B 183 -4.27 12.38 4.59
N LEU B 184 -5.25 13.25 4.88
CA LEU B 184 -6.24 13.62 3.86
C LEU B 184 -5.62 14.40 2.71
N ASP B 185 -4.61 15.24 3.00
CA ASP B 185 -3.96 15.97 1.93
C ASP B 185 -3.08 15.05 1.07
N ALA B 186 -2.44 14.05 1.68
CA ALA B 186 -1.66 13.10 0.89
C ALA B 186 -2.54 12.25 -0.03
N ILE B 187 -3.70 11.81 0.48
CA ILE B 187 -4.61 11.04 -0.35
C ILE B 187 -5.23 11.90 -1.44
N ASN B 188 -5.50 13.18 -1.16
CA ASN B 188 -6.00 14.10 -2.19
C ASN B 188 -4.96 14.34 -3.26
N GLY B 189 -3.68 14.42 -2.87
CA GLY B 189 -2.62 14.54 -3.86
C GLY B 189 -2.49 13.31 -4.74
N LEU B 190 -2.70 12.13 -4.16
CA LEU B 190 -2.73 10.89 -4.95
C LEU B 190 -3.88 10.91 -5.96
N ALA B 191 -5.05 11.38 -5.54
CA ALA B 191 -6.20 11.45 -6.44
C ALA B 191 -5.98 12.43 -7.59
N GLU B 192 -5.45 13.62 -7.30
CA GLU B 192 -5.21 14.58 -8.36
C GLU B 192 -4.06 14.16 -9.28
N ALA B 193 -3.08 13.42 -8.74
CA ALA B 193 -2.03 12.88 -9.60
C ALA B 193 -2.58 11.82 -10.55
N MET B 194 -3.50 10.97 -10.07
CA MET B 194 -4.15 10.01 -10.94
C MET B 194 -5.00 10.70 -12.01
N TYR B 195 -5.62 11.83 -11.67
CA TYR B 195 -6.37 12.58 -12.68
C TYR B 195 -5.46 13.21 -13.72
N LYS B 196 -4.26 13.62 -13.33
CA LYS B 196 -3.32 14.12 -14.34
C LYS B 196 -2.81 13.00 -15.23
N ILE B 197 -2.65 11.79 -14.67
CA ILE B 197 -2.26 10.64 -15.50
C ILE B 197 -3.38 10.28 -16.49
N VAL B 198 -4.64 10.37 -16.05
CA VAL B 198 -5.72 10.04 -16.99
C VAL B 198 -5.90 11.14 -18.03
N ASN B 199 -5.52 12.38 -17.72
CA ASN B 199 -5.46 13.41 -18.75
C ASN B 199 -4.40 13.09 -19.79
N GLY B 200 -3.24 12.59 -19.35
CA GLY B 200 -2.21 12.18 -20.31
C GLY B 200 -2.62 10.96 -21.14
N VAL B 201 -3.31 10.01 -20.52
CA VAL B 201 -3.74 8.81 -21.23
C VAL B 201 -4.82 9.16 -22.24
N MET B 202 -5.74 10.06 -21.89
CA MET B 202 -6.72 10.51 -22.87
C MET B 202 -6.12 11.43 -23.92
N GLN B 203 -4.94 12.01 -23.66
CA GLN B 203 -4.20 12.66 -24.74
C GLN B 203 -3.62 11.62 -25.70
N TYR B 204 -3.18 10.47 -25.17
CA TYR B 204 -2.69 9.40 -26.03
C TYR B 204 -3.80 8.73 -26.82
N ALA B 205 -5.02 8.72 -26.27
CA ALA B 205 -6.20 7.98 -26.71
C ALA B 205 -6.60 7.91 -28.19
N PRO B 206 -6.32 8.90 -29.06
CA PRO B 206 -6.62 8.70 -30.49
C PRO B 206 -5.96 7.50 -31.15
N ILE B 207 -4.69 7.21 -30.85
CA ILE B 207 -4.04 6.05 -31.45
C ILE B 207 -4.66 4.75 -30.94
N GLY B 208 -5.04 4.72 -29.66
CA GLY B 208 -5.68 3.53 -29.12
C GLY B 208 -7.07 3.31 -29.66
N VAL B 209 -7.84 4.39 -29.84
CA VAL B 209 -9.17 4.29 -30.44
C VAL B 209 -9.06 3.86 -31.90
N PHE B 210 -8.05 4.38 -32.62
CA PHE B 210 -7.78 3.97 -34.00
C PHE B 210 -7.47 2.49 -34.10
N ALA B 211 -6.60 1.99 -33.21
CA ALA B 211 -6.21 0.58 -33.24
C ALA B 211 -7.38 -0.33 -32.85
N LEU B 212 -8.15 0.06 -31.84
CA LEU B 212 -9.25 -0.77 -31.36
C LEU B 212 -10.36 -0.86 -32.41
N ILE B 213 -10.74 0.27 -33.01
CA ILE B 213 -11.78 0.26 -34.01
C ILE B 213 -11.30 -0.38 -35.31
N ALA B 214 -10.00 -0.28 -35.62
CA ALA B 214 -9.45 -0.96 -36.80
C ALA B 214 -9.53 -2.48 -36.64
N TYR B 215 -9.09 -3.00 -35.49
CA TYR B 215 -9.19 -4.43 -35.24
C TYR B 215 -10.64 -4.90 -35.16
N VAL B 216 -11.53 -4.07 -34.60
CA VAL B 216 -12.91 -4.49 -34.43
C VAL B 216 -13.63 -4.53 -35.78
N MET B 217 -13.43 -3.52 -36.63
CA MET B 217 -14.04 -3.52 -37.94
C MET B 217 -13.40 -4.55 -38.86
N ALA B 218 -12.14 -4.92 -38.61
CA ALA B 218 -11.53 -5.96 -39.44
C ALA B 218 -11.96 -7.36 -39.03
N GLU B 219 -12.16 -7.60 -37.73
CA GLU B 219 -12.52 -8.94 -37.28
C GLU B 219 -14.02 -9.19 -37.38
N GLN B 220 -14.82 -8.31 -36.79
CA GLN B 220 -16.27 -8.54 -36.77
C GLN B 220 -16.92 -8.15 -38.09
N GLY B 221 -16.50 -7.03 -38.66
CA GLY B 221 -16.98 -6.60 -39.95
C GLY B 221 -17.91 -5.40 -39.87
N VAL B 222 -18.77 -5.28 -40.87
CA VAL B 222 -19.73 -4.17 -40.95
C VAL B 222 -20.88 -4.39 -39.97
N HIS B 223 -21.07 -5.62 -39.50
CA HIS B 223 -22.20 -5.98 -38.64
C HIS B 223 -22.14 -5.39 -37.24
N VAL B 224 -21.02 -4.78 -36.85
CA VAL B 224 -20.88 -4.24 -35.50
C VAL B 224 -21.19 -2.75 -35.43
N VAL B 225 -21.16 -2.03 -36.55
CA VAL B 225 -21.42 -0.60 -36.51
C VAL B 225 -22.91 -0.32 -36.31
N GLY B 226 -23.77 -1.26 -36.71
CA GLY B 226 -25.19 -1.13 -36.42
C GLY B 226 -25.49 -1.30 -34.94
N GLU B 227 -24.80 -2.24 -34.28
CA GLU B 227 -24.99 -2.41 -32.85
C GLU B 227 -24.38 -1.26 -32.06
N LEU B 228 -23.27 -0.69 -32.55
CA LEU B 228 -22.72 0.51 -31.92
C LEU B 228 -23.65 1.70 -32.09
N ALA B 229 -24.32 1.79 -33.25
CA ALA B 229 -25.33 2.82 -33.44
C ALA B 229 -26.54 2.60 -32.54
N LYS B 230 -26.89 1.34 -32.28
CA LYS B 230 -27.95 1.04 -31.32
C LYS B 230 -27.55 1.43 -29.91
N VAL B 231 -26.26 1.28 -29.58
CA VAL B 231 -25.75 1.71 -28.27
C VAL B 231 -25.85 3.21 -28.12
N THR B 232 -25.42 3.96 -29.15
CA THR B 232 -25.48 5.42 -29.12
C THR B 232 -26.93 5.90 -29.04
N ALA B 233 -27.83 5.25 -29.78
CA ALA B 233 -29.24 5.61 -29.74
C ALA B 233 -29.86 5.34 -28.38
N ALA B 234 -29.52 4.20 -27.77
CA ALA B 234 -30.05 3.86 -26.44
C ALA B 234 -29.54 4.84 -25.39
N VAL B 235 -28.26 5.21 -25.45
CA VAL B 235 -27.67 6.14 -24.49
C VAL B 235 -28.31 7.52 -24.63
N TYR B 236 -28.44 8.02 -25.86
CA TYR B 236 -28.95 9.38 -26.03
C TYR B 236 -30.45 9.47 -25.78
N VAL B 237 -31.22 8.43 -26.13
CA VAL B 237 -32.64 8.40 -25.81
C VAL B 237 -32.84 8.32 -24.29
N GLY B 238 -31.99 7.53 -23.61
CA GLY B 238 -32.06 7.47 -22.16
C GLY B 238 -31.70 8.77 -21.48
N LEU B 239 -30.72 9.49 -22.03
CA LEU B 239 -30.34 10.77 -21.45
C LEU B 239 -31.39 11.85 -21.69
N THR B 240 -31.99 11.86 -22.88
CA THR B 240 -33.06 12.82 -23.18
C THR B 240 -34.29 12.55 -22.32
N LEU B 241 -34.66 11.28 -22.16
CA LEU B 241 -35.80 10.95 -21.31
C LEU B 241 -35.48 11.19 -19.83
N GLN B 242 -34.19 11.04 -19.44
CA GLN B 242 -33.78 11.38 -18.08
C GLN B 242 -33.97 12.86 -17.81
N ILE B 243 -33.49 13.71 -18.72
CA ILE B 243 -33.65 15.17 -18.60
C ILE B 243 -35.13 15.53 -18.52
N LEU B 244 -35.91 15.11 -19.52
CA LEU B 244 -37.34 15.39 -19.62
C LEU B 244 -38.11 14.93 -18.40
N LEU B 245 -38.17 13.61 -18.19
CA LEU B 245 -38.95 13.03 -17.10
C LEU B 245 -38.46 13.51 -15.74
N VAL B 246 -37.21 13.21 -15.37
CA VAL B 246 -36.74 13.44 -14.02
C VAL B 246 -36.69 14.95 -13.71
N TYR B 247 -35.96 15.71 -14.54
CA TYR B 247 -35.74 17.10 -14.18
C TYR B 247 -37.00 17.94 -14.40
N PHE B 248 -37.79 17.67 -15.46
CA PHE B 248 -38.97 18.49 -15.72
C PHE B 248 -40.08 18.20 -14.72
N VAL B 249 -40.31 16.93 -14.37
CA VAL B 249 -41.33 16.64 -13.38
C VAL B 249 -40.90 17.09 -11.98
N LEU B 250 -39.60 17.00 -11.65
CA LEU B 250 -39.15 17.51 -10.35
C LEU B 250 -39.26 19.03 -10.27
N LEU B 251 -38.98 19.73 -11.38
CA LEU B 251 -39.11 21.18 -11.38
C LEU B 251 -40.57 21.63 -11.38
N LYS B 252 -41.47 20.85 -11.99
CA LYS B 252 -42.87 21.23 -11.96
C LYS B 252 -43.55 20.85 -10.65
N ILE B 253 -43.06 19.83 -9.95
CA ILE B 253 -43.53 19.57 -8.59
C ILE B 253 -43.03 20.66 -7.64
N TYR B 254 -41.75 21.02 -7.74
CA TYR B 254 -41.23 22.07 -6.86
C TYR B 254 -41.52 23.48 -7.38
N GLY B 255 -42.25 23.62 -8.49
CA GLY B 255 -42.80 24.90 -8.88
C GLY B 255 -41.92 25.80 -9.70
N ILE B 256 -40.91 25.27 -10.37
CA ILE B 256 -40.00 26.06 -11.20
C ILE B 256 -40.30 25.74 -12.66
N ASP B 257 -40.44 26.77 -13.47
CA ASP B 257 -40.80 26.60 -14.88
C ASP B 257 -39.62 26.05 -15.66
N PRO B 258 -39.76 24.91 -16.34
CA PRO B 258 -38.58 24.27 -16.96
C PRO B 258 -38.11 24.93 -18.25
N ILE B 259 -38.97 25.66 -18.96
CA ILE B 259 -38.56 26.24 -20.24
C ILE B 259 -37.61 27.41 -20.01
N SER B 260 -37.91 28.27 -19.03
CA SER B 260 -36.99 29.36 -18.70
C SER B 260 -35.70 28.85 -18.09
N PHE B 261 -35.77 27.75 -17.34
CA PHE B 261 -34.57 27.11 -16.79
C PHE B 261 -33.68 26.56 -17.89
N ILE B 262 -34.26 25.86 -18.88
CA ILE B 262 -33.46 25.28 -19.94
C ILE B 262 -33.03 26.35 -20.94
N LYS B 263 -33.67 27.53 -20.93
CA LYS B 263 -33.17 28.65 -21.70
C LYS B 263 -31.98 29.31 -21.00
N HIS B 264 -32.04 29.42 -19.68
CA HIS B 264 -30.93 30.03 -18.95
C HIS B 264 -29.72 29.11 -18.83
N ALA B 265 -29.92 27.79 -18.85
CA ALA B 265 -28.84 26.84 -18.68
C ALA B 265 -28.15 26.47 -19.99
N LYS B 266 -28.34 27.28 -21.04
CA LYS B 266 -27.84 26.92 -22.37
C LYS B 266 -26.33 26.96 -22.44
N ASP B 267 -25.71 27.96 -21.81
CA ASP B 267 -24.25 28.06 -21.80
C ASP B 267 -23.62 26.90 -21.02
N ALA B 268 -24.19 26.58 -19.85
CA ALA B 268 -23.65 25.50 -19.02
C ALA B 268 -23.88 24.13 -19.65
N MET B 269 -24.90 23.99 -20.49
CA MET B 269 -25.04 22.75 -21.23
C MET B 269 -24.08 22.68 -22.43
N LEU B 270 -23.92 23.80 -23.15
CA LEU B 270 -23.18 23.76 -24.41
C LEU B 270 -21.68 23.68 -24.18
N THR B 271 -21.17 24.35 -23.15
CA THR B 271 -19.72 24.26 -22.91
C THR B 271 -19.35 22.91 -22.30
N ALA B 272 -20.31 22.21 -21.67
CA ALA B 272 -20.06 20.84 -21.24
C ALA B 272 -20.19 19.86 -22.38
N PHE B 273 -21.02 20.18 -23.39
CA PHE B 273 -21.06 19.36 -24.59
C PHE B 273 -19.77 19.47 -25.39
N VAL B 274 -19.23 20.69 -25.52
CA VAL B 274 -18.00 20.88 -26.28
C VAL B 274 -16.79 20.40 -25.48
N THR B 275 -16.54 21.04 -24.33
CA THR B 275 -15.47 20.59 -23.43
C THR B 275 -16.10 19.58 -22.48
N ARG B 276 -15.80 18.30 -22.69
CA ARG B 276 -16.49 17.21 -21.98
C ARG B 276 -15.91 17.05 -20.57
N SER B 277 -16.18 18.03 -19.72
CA SER B 277 -15.68 18.03 -18.36
C SER B 277 -16.71 18.68 -17.45
N SER B 278 -16.68 18.30 -16.18
CA SER B 278 -17.54 18.92 -15.18
C SER B 278 -16.80 19.96 -14.36
N SER B 279 -15.54 19.70 -14.02
CA SER B 279 -14.75 20.67 -13.27
C SER B 279 -14.33 21.83 -14.16
N GLY B 280 -14.23 21.62 -15.47
CA GLY B 280 -13.88 22.68 -16.38
C GLY B 280 -15.02 23.63 -16.70
N THR B 281 -16.26 23.23 -16.40
CA THR B 281 -17.43 24.06 -16.66
C THR B 281 -18.03 24.61 -15.37
N LEU B 282 -17.29 24.55 -14.27
CA LEU B 282 -17.75 25.06 -12.98
C LEU B 282 -17.91 26.59 -12.91
N PRO B 283 -17.00 27.43 -13.47
CA PRO B 283 -17.32 28.87 -13.51
C PRO B 283 -18.51 29.21 -14.39
N VAL B 284 -18.71 28.48 -15.49
CA VAL B 284 -19.87 28.73 -16.34
C VAL B 284 -21.14 28.30 -15.62
N THR B 285 -21.09 27.20 -14.86
CA THR B 285 -22.25 26.76 -14.09
C THR B 285 -22.56 27.73 -12.96
N MET B 286 -21.53 28.30 -12.34
CA MET B 286 -21.74 29.31 -11.31
C MET B 286 -22.32 30.59 -11.91
N ARG B 287 -21.92 30.94 -13.14
CA ARG B 287 -22.47 32.10 -13.81
C ARG B 287 -23.94 31.90 -14.18
N VAL B 288 -24.28 30.69 -14.62
CA VAL B 288 -25.67 30.37 -14.95
C VAL B 288 -26.54 30.37 -13.70
N ALA B 289 -26.01 29.84 -12.58
CA ALA B 289 -26.76 29.89 -11.34
C ALA B 289 -26.83 31.31 -10.78
N LYS B 290 -25.88 32.17 -11.13
CA LYS B 290 -25.98 33.59 -10.75
C LYS B 290 -27.06 34.30 -11.54
N GLU B 291 -27.17 34.00 -12.84
CA GLU B 291 -28.26 34.56 -13.65
C GLU B 291 -29.49 33.67 -13.63
N MET B 292 -29.94 33.29 -12.43
CA MET B 292 -31.19 32.54 -12.28
C MET B 292 -32.06 33.02 -11.12
N GLY B 293 -31.49 33.67 -10.12
CA GLY B 293 -32.22 34.02 -8.92
C GLY B 293 -31.90 33.16 -7.72
N ILE B 294 -30.71 32.56 -7.68
CA ILE B 294 -30.31 31.65 -6.62
C ILE B 294 -29.49 32.41 -5.60
N SER B 295 -29.74 32.15 -4.31
CA SER B 295 -29.03 32.83 -3.24
C SER B 295 -27.56 32.41 -3.22
N GLU B 296 -26.71 33.29 -2.66
CA GLU B 296 -25.26 33.15 -2.79
C GLU B 296 -24.73 31.94 -2.02
N GLY B 297 -25.14 31.79 -0.76
CA GLY B 297 -24.70 30.67 0.04
C GLY B 297 -25.38 29.36 -0.25
N ILE B 298 -26.28 29.32 -1.23
CA ILE B 298 -26.97 28.09 -1.62
C ILE B 298 -26.65 27.68 -3.05
N TYR B 299 -25.91 28.51 -3.81
CA TYR B 299 -25.29 28.06 -5.05
C TYR B 299 -23.77 28.05 -4.98
N SER B 300 -23.16 28.70 -4.00
CA SER B 300 -21.71 28.68 -3.85
C SER B 300 -21.21 27.49 -3.04
N PHE B 301 -22.11 26.57 -2.68
CA PHE B 301 -21.77 25.35 -1.98
C PHE B 301 -22.11 24.08 -2.76
N THR B 302 -23.21 24.10 -3.51
CA THR B 302 -23.72 22.89 -4.14
C THR B 302 -23.08 22.59 -5.48
N LEU B 303 -22.68 23.60 -6.24
CA LEU B 303 -22.11 23.37 -7.56
C LEU B 303 -20.70 22.77 -7.53
N PRO B 304 -19.76 23.16 -6.64
CA PRO B 304 -18.54 22.35 -6.50
C PRO B 304 -18.79 20.98 -5.89
N LEU B 305 -19.88 20.81 -5.14
CA LEU B 305 -20.26 19.48 -4.69
C LEU B 305 -20.91 18.68 -5.81
N GLY B 306 -21.74 19.34 -6.63
CA GLY B 306 -22.39 18.68 -7.74
C GLY B 306 -21.46 18.32 -8.87
N ALA B 307 -20.35 19.03 -9.03
CA ALA B 307 -19.34 18.66 -10.00
C ALA B 307 -18.55 17.42 -9.58
N THR B 308 -18.73 16.95 -8.35
CA THR B 308 -18.02 15.80 -7.81
C THR B 308 -18.92 14.60 -7.59
N ILE B 309 -20.09 14.78 -6.95
CA ILE B 309 -20.89 13.66 -6.48
C ILE B 309 -22.19 13.49 -7.27
N ASN B 310 -22.37 14.23 -8.35
CA ASN B 310 -23.66 14.20 -9.05
C ASN B 310 -23.52 13.83 -10.51
N MET B 311 -22.82 12.73 -10.79
CA MET B 311 -22.75 12.21 -12.15
C MET B 311 -24.04 11.43 -12.43
N ASP B 312 -24.97 12.08 -13.15
CA ASP B 312 -26.26 11.50 -13.46
C ASP B 312 -26.29 10.79 -14.80
N GLY B 313 -25.58 11.32 -15.80
CA GLY B 313 -25.55 10.69 -17.10
C GLY B 313 -24.51 9.60 -17.20
N THR B 314 -23.48 9.71 -16.37
CA THR B 314 -22.44 8.69 -16.34
C THR B 314 -22.99 7.38 -15.77
N ALA B 315 -23.92 7.47 -14.81
CA ALA B 315 -24.57 6.27 -14.30
C ALA B 315 -25.53 5.65 -15.31
N LEU B 316 -26.16 6.48 -16.15
CA LEU B 316 -26.98 5.93 -17.23
C LEU B 316 -26.11 5.25 -18.28
N TYR B 317 -24.92 5.81 -18.54
CA TYR B 317 -23.96 5.14 -19.42
C TYR B 317 -23.47 3.84 -18.82
N GLN B 318 -23.32 3.78 -17.48
CA GLN B 318 -23.02 2.52 -16.80
C GLN B 318 -24.12 1.49 -17.06
N GLY B 319 -25.38 1.89 -16.85
CA GLY B 319 -26.49 0.98 -16.99
C GLY B 319 -26.70 0.49 -18.41
N VAL B 320 -26.33 1.29 -19.40
CA VAL B 320 -26.42 0.80 -20.77
C VAL B 320 -25.22 -0.06 -21.14
N ALA B 321 -24.01 0.37 -20.77
CA ALA B 321 -22.80 -0.32 -21.20
C ALA B 321 -22.57 -1.65 -20.51
N THR B 322 -22.92 -1.79 -19.24
CA THR B 322 -22.74 -3.08 -18.57
C THR B 322 -23.75 -4.12 -19.03
N PHE B 323 -24.83 -3.71 -19.70
CA PHE B 323 -25.72 -4.64 -20.36
C PHE B 323 -25.34 -4.89 -21.81
N PHE B 324 -24.72 -3.92 -22.47
CA PHE B 324 -24.17 -4.16 -23.81
C PHE B 324 -23.04 -5.18 -23.76
N ILE B 325 -22.14 -5.06 -22.78
CA ILE B 325 -21.03 -6.00 -22.65
C ILE B 325 -21.53 -7.38 -22.22
N ALA B 326 -22.64 -7.42 -21.48
CA ALA B 326 -23.23 -8.71 -21.12
C ALA B 326 -23.91 -9.37 -22.32
N ASN B 327 -24.67 -8.59 -23.09
CA ASN B 327 -25.36 -9.15 -24.24
C ASN B 327 -24.43 -9.47 -25.41
N ALA B 328 -23.24 -8.87 -25.45
CA ALA B 328 -22.27 -9.18 -26.50
C ALA B 328 -21.40 -10.37 -26.16
N LEU B 329 -21.72 -11.12 -25.10
CA LEU B 329 -21.01 -12.33 -24.72
C LEU B 329 -21.91 -13.55 -24.58
N GLY B 330 -23.22 -13.41 -24.83
CA GLY B 330 -24.15 -14.52 -24.74
C GLY B 330 -24.82 -14.67 -23.39
N SER B 331 -24.12 -14.32 -22.31
CA SER B 331 -24.67 -14.44 -20.98
C SER B 331 -25.65 -13.29 -20.72
N HIS B 332 -26.29 -13.33 -19.55
CA HIS B 332 -27.21 -12.28 -19.16
C HIS B 332 -27.13 -12.09 -17.65
N LEU B 333 -27.37 -10.86 -17.21
CA LEU B 333 -27.23 -10.51 -15.81
C LEU B 333 -28.50 -10.86 -15.05
N THR B 334 -28.34 -11.49 -13.90
CA THR B 334 -29.47 -11.90 -13.08
C THR B 334 -29.93 -10.76 -12.16
N VAL B 335 -31.17 -10.86 -11.71
CA VAL B 335 -31.66 -9.94 -10.69
C VAL B 335 -30.98 -10.27 -9.36
N GLY B 336 -30.21 -9.31 -8.84
CA GLY B 336 -29.22 -9.56 -7.80
C GLY B 336 -27.81 -9.31 -8.27
N GLN B 337 -27.60 -9.30 -9.58
CA GLN B 337 -26.39 -8.77 -10.20
C GLN B 337 -26.60 -7.38 -10.77
N GLN B 338 -27.85 -6.95 -10.92
CA GLN B 338 -28.19 -5.60 -11.38
C GLN B 338 -28.21 -4.60 -10.23
N LEU B 339 -28.58 -5.04 -9.03
CA LEU B 339 -28.44 -4.19 -7.86
C LEU B 339 -26.98 -3.94 -7.52
N THR B 340 -26.08 -4.86 -7.89
CA THR B 340 -24.66 -4.60 -7.81
C THR B 340 -24.24 -3.48 -8.75
N ILE B 341 -24.83 -3.44 -9.95
CA ILE B 341 -24.58 -2.35 -10.90
C ILE B 341 -25.08 -1.03 -10.35
N VAL B 342 -26.27 -1.04 -9.74
CA VAL B 342 -26.83 0.18 -9.14
C VAL B 342 -25.98 0.68 -7.98
N LEU B 343 -25.52 -0.24 -7.12
CA LEU B 343 -24.69 0.14 -5.96
C LEU B 343 -23.32 0.65 -6.39
N THR B 344 -22.68 -0.03 -7.34
CA THR B 344 -21.34 0.32 -7.79
C THR B 344 -21.37 1.41 -8.86
N ALA B 345 -22.56 1.86 -9.25
CA ALA B 345 -22.69 3.06 -10.07
C ALA B 345 -23.13 4.27 -9.28
N VAL B 346 -23.71 4.08 -8.10
CA VAL B 346 -23.96 5.18 -7.18
C VAL B 346 -22.73 5.51 -6.35
N LEU B 347 -22.09 4.49 -5.75
CA LEU B 347 -20.99 4.74 -4.84
C LEU B 347 -19.70 5.08 -5.56
N ALA B 348 -19.59 4.79 -6.86
CA ALA B 348 -18.37 5.14 -7.59
C ALA B 348 -18.32 6.63 -7.89
N SER B 349 -19.45 7.22 -8.24
CA SER B 349 -19.53 8.65 -8.53
C SER B 349 -19.87 9.44 -7.26
N ILE B 350 -19.02 9.25 -6.25
CA ILE B 350 -19.15 9.97 -4.99
C ILE B 350 -17.91 10.80 -4.66
N GLY B 351 -16.82 10.62 -5.39
CA GLY B 351 -15.66 11.46 -5.16
C GLY B 351 -14.92 11.90 -6.41
N THR B 352 -15.31 11.39 -7.56
CA THR B 352 -14.55 11.59 -8.79
C THR B 352 -14.84 12.97 -9.36
N ALA B 353 -13.81 13.82 -9.41
CA ALA B 353 -13.93 15.09 -10.09
C ALA B 353 -13.98 14.87 -11.60
N GLY B 354 -14.71 15.75 -12.29
CA GLY B 354 -14.94 15.58 -13.71
C GLY B 354 -13.74 15.85 -14.59
N VAL B 355 -13.16 14.78 -15.12
CA VAL B 355 -12.07 14.87 -16.11
C VAL B 355 -12.53 14.13 -17.35
N PRO B 356 -12.13 14.54 -18.56
CA PRO B 356 -12.68 13.92 -19.77
C PRO B 356 -12.17 12.51 -19.98
N GLY B 357 -13.10 11.57 -20.11
CA GLY B 357 -12.77 10.20 -20.44
C GLY B 357 -12.58 9.27 -19.27
N ALA B 358 -13.18 9.56 -18.12
CA ALA B 358 -13.05 8.71 -16.95
C ALA B 358 -14.24 7.77 -16.75
N GLY B 359 -15.27 7.90 -17.59
CA GLY B 359 -16.33 6.91 -17.62
C GLY B 359 -15.84 5.56 -18.10
N ALA B 360 -14.78 5.54 -18.91
CA ALA B 360 -14.13 4.30 -19.28
C ALA B 360 -13.43 3.63 -18.09
N ILE B 361 -13.08 4.39 -17.07
CA ILE B 361 -12.52 3.83 -15.84
C ILE B 361 -13.61 3.37 -14.90
N MET B 362 -14.68 4.16 -14.78
CA MET B 362 -15.84 3.75 -13.99
C MET B 362 -16.53 2.52 -14.59
N LEU B 363 -16.39 2.30 -15.90
CA LEU B 363 -16.93 1.09 -16.50
C LEU B 363 -16.17 -0.14 -16.06
N CYS B 364 -14.84 -0.06 -15.95
CA CYS B 364 -14.09 -1.18 -15.39
C CYS B 364 -14.36 -1.35 -13.91
N MET B 365 -14.62 -0.24 -13.20
CA MET B 365 -15.05 -0.32 -11.80
C MET B 365 -16.35 -1.08 -11.65
N VAL B 366 -17.29 -0.86 -12.57
CA VAL B 366 -18.58 -1.55 -12.50
C VAL B 366 -18.42 -3.01 -12.93
N LEU B 367 -17.66 -3.26 -14.00
CA LEU B 367 -17.52 -4.60 -14.55
C LEU B 367 -16.74 -5.52 -13.62
N HIS B 368 -15.77 -4.98 -12.89
CA HIS B 368 -14.96 -5.81 -11.99
C HIS B 368 -15.73 -6.28 -10.76
N SER B 369 -16.91 -5.72 -10.49
CA SER B 369 -17.72 -6.12 -9.35
C SER B 369 -18.95 -6.95 -9.76
N VAL B 370 -19.20 -7.11 -11.05
CA VAL B 370 -20.35 -7.88 -11.53
C VAL B 370 -19.99 -9.34 -11.73
N GLY B 371 -18.82 -9.60 -12.32
CA GLY B 371 -18.45 -10.94 -12.71
C GLY B 371 -18.02 -10.96 -14.15
N LEU B 372 -17.69 -9.78 -14.68
CA LEU B 372 -17.18 -9.63 -16.05
C LEU B 372 -15.83 -8.93 -15.99
N PRO B 373 -14.78 -9.62 -15.55
CA PRO B 373 -13.49 -8.96 -15.37
C PRO B 373 -12.74 -8.80 -16.70
N LEU B 374 -11.83 -7.84 -16.70
CA LEU B 374 -11.05 -7.51 -17.90
C LEU B 374 -9.89 -8.46 -18.15
N THR B 375 -9.76 -9.53 -17.38
CA THR B 375 -8.69 -10.50 -17.62
C THR B 375 -9.11 -11.57 -18.62
N ASP B 376 -10.39 -11.91 -18.66
CA ASP B 376 -10.89 -12.89 -19.63
C ASP B 376 -10.91 -12.25 -21.02
N PRO B 377 -10.61 -13.01 -22.08
CA PRO B 377 -10.42 -12.40 -23.41
C PRO B 377 -11.69 -11.92 -24.08
N ASN B 378 -12.88 -12.29 -23.60
CA ASN B 378 -14.11 -11.84 -24.24
C ASN B 378 -14.50 -10.44 -23.77
N VAL B 379 -14.37 -10.19 -22.47
CA VAL B 379 -14.69 -8.87 -21.92
C VAL B 379 -13.67 -7.84 -22.39
N ALA B 380 -12.44 -8.27 -22.65
CA ALA B 380 -11.43 -7.35 -23.17
C ALA B 380 -11.68 -6.96 -24.62
N ALA B 381 -12.51 -7.71 -25.34
CA ALA B 381 -12.94 -7.33 -26.68
C ALA B 381 -14.22 -6.52 -26.66
N ALA B 382 -15.18 -6.89 -25.79
CA ALA B 382 -16.42 -6.12 -25.68
C ALA B 382 -16.16 -4.73 -25.09
N TYR B 383 -15.24 -4.63 -24.14
CA TYR B 383 -14.85 -3.34 -23.60
C TYR B 383 -14.11 -2.51 -24.62
N ALA B 384 -13.39 -3.15 -25.55
CA ALA B 384 -12.78 -2.43 -26.65
C ALA B 384 -13.84 -1.86 -27.59
N MET B 385 -14.87 -2.66 -27.88
CA MET B 385 -15.97 -2.19 -28.74
C MET B 385 -16.76 -1.06 -28.09
N ILE B 386 -16.90 -1.07 -26.77
CA ILE B 386 -17.59 0.04 -26.12
C ILE B 386 -16.66 1.22 -25.82
N LEU B 387 -15.34 1.02 -25.83
CA LEU B 387 -14.37 2.08 -25.59
C LEU B 387 -14.06 2.86 -26.87
N GLY B 388 -14.20 2.21 -28.03
CA GLY B 388 -13.93 2.90 -29.28
C GLY B 388 -14.88 4.03 -29.61
N ILE B 389 -16.07 4.06 -29.01
CA ILE B 389 -17.05 5.10 -29.27
C ILE B 389 -17.29 5.90 -28.01
N ASP B 390 -16.26 6.03 -27.17
CA ASP B 390 -16.41 6.76 -25.91
C ASP B 390 -16.53 8.27 -26.13
N ALA B 391 -15.88 8.79 -27.18
CA ALA B 391 -15.86 10.23 -27.39
C ALA B 391 -17.21 10.77 -27.88
N ILE B 392 -17.95 9.98 -28.65
CA ILE B 392 -19.28 10.40 -29.09
C ILE B 392 -20.35 10.12 -28.05
N LEU B 393 -19.98 9.62 -26.88
CA LEU B 393 -20.89 9.45 -25.77
C LEU B 393 -20.57 10.37 -24.60
N ASP B 394 -19.31 10.79 -24.47
CA ASP B 394 -18.90 11.65 -23.36
C ASP B 394 -19.54 13.03 -23.45
N MET B 395 -19.68 13.55 -24.67
CA MET B 395 -20.35 14.84 -24.87
C MET B 395 -21.81 14.79 -24.48
N GLY B 396 -22.46 13.62 -24.65
CA GLY B 396 -23.83 13.49 -24.20
C GLY B 396 -23.92 13.35 -22.69
N ARG B 397 -23.06 12.50 -22.11
CA ARG B 397 -23.17 12.20 -20.68
C ARG B 397 -22.47 13.21 -19.78
N THR B 398 -21.89 14.27 -20.34
CA THR B 398 -21.43 15.38 -19.52
C THR B 398 -22.44 16.53 -19.43
N MET B 399 -23.27 16.68 -20.47
CA MET B 399 -24.26 17.76 -20.50
C MET B 399 -25.33 17.58 -19.44
N VAL B 400 -25.87 16.37 -19.33
CA VAL B 400 -26.86 16.09 -18.28
C VAL B 400 -26.19 16.04 -16.90
N ASN B 401 -24.90 15.69 -16.85
CA ASN B 401 -24.15 15.72 -15.60
C ASN B 401 -24.02 17.14 -15.06
N VAL B 402 -23.90 18.12 -15.94
CA VAL B 402 -23.90 19.52 -15.51
C VAL B 402 -25.32 20.06 -15.31
N THR B 403 -26.30 19.57 -16.09
CA THR B 403 -27.68 20.02 -15.97
C THR B 403 -28.29 19.62 -14.63
N GLY B 404 -27.97 18.41 -14.13
CA GLY B 404 -28.48 17.98 -12.84
C GLY B 404 -27.97 18.81 -11.68
N ASP B 405 -26.80 19.43 -11.83
CA ASP B 405 -26.27 20.33 -10.80
C ASP B 405 -27.16 21.55 -10.63
N LEU B 406 -27.48 22.22 -11.74
CA LEU B 406 -28.38 23.37 -11.69
C LEU B 406 -29.80 23.00 -11.30
N THR B 407 -30.25 21.80 -11.70
CA THR B 407 -31.58 21.34 -11.29
C THR B 407 -31.66 21.15 -9.77
N GLY B 408 -30.67 20.46 -9.19
CA GLY B 408 -30.65 20.28 -7.75
C GLY B 408 -30.43 21.58 -6.98
N THR B 409 -29.63 22.49 -7.54
CA THR B 409 -29.42 23.79 -6.91
C THR B 409 -30.70 24.60 -6.88
N ALA B 410 -31.47 24.60 -7.98
CA ALA B 410 -32.73 25.33 -8.01
C ALA B 410 -33.79 24.69 -7.11
N ILE B 411 -33.82 23.36 -7.04
CA ILE B 411 -34.78 22.67 -6.17
C ILE B 411 -34.47 22.95 -4.70
N VAL B 412 -33.18 22.91 -4.33
CA VAL B 412 -32.80 23.19 -2.95
C VAL B 412 -32.97 24.68 -2.63
N ALA B 413 -32.83 25.55 -3.63
CA ALA B 413 -33.01 26.98 -3.41
C ALA B 413 -34.48 27.33 -3.17
N LYS B 414 -35.37 26.79 -3.99
CA LYS B 414 -36.80 27.12 -3.82
C LYS B 414 -37.51 26.12 -2.90
N THR B 415 -36.90 25.85 -1.74
CA THR B 415 -37.60 25.19 -0.64
C THR B 415 -37.18 25.70 0.73
N GLU B 416 -36.29 26.69 0.80
CA GLU B 416 -35.82 27.22 2.08
C GLU B 416 -36.15 28.68 2.29
N GLY B 417 -35.82 29.55 1.34
CA GLY B 417 -36.10 30.96 1.46
C GLY B 417 -37.56 31.30 1.31
N GLY C 2 -36.85 9.80 18.22
CA GLY C 2 -35.42 9.72 17.96
C GLY C 2 -34.80 8.44 18.47
N LEU C 3 -35.03 7.34 17.75
CA LEU C 3 -34.52 6.04 18.17
C LEU C 3 -33.01 5.95 18.01
N TYR C 4 -32.47 6.57 16.97
CA TYR C 4 -31.03 6.55 16.75
C TYR C 4 -30.29 7.36 17.81
N ARG C 5 -30.78 8.57 18.09
CA ARG C 5 -30.17 9.40 19.13
C ARG C 5 -30.43 8.85 20.53
N LYS C 6 -31.49 8.04 20.70
CA LYS C 6 -31.63 7.28 21.93
C LYS C 6 -30.58 6.18 22.03
N TYR C 7 -30.29 5.52 20.91
CA TYR C 7 -29.39 4.37 20.92
C TYR C 7 -27.93 4.79 21.12
N ILE C 8 -27.50 5.87 20.48
CA ILE C 8 -26.10 6.26 20.56
C ILE C 8 -25.79 6.92 21.90
N GLU C 9 -26.70 7.78 22.39
CA GLU C 9 -26.48 8.47 23.67
C GLU C 9 -26.54 7.54 24.87
N TYR C 10 -27.14 6.37 24.72
CA TYR C 10 -27.10 5.37 25.79
C TYR C 10 -25.67 4.86 25.95
N PRO C 11 -25.22 4.58 27.18
CA PRO C 11 -23.84 4.14 27.39
C PRO C 11 -23.57 2.76 26.78
N VAL C 12 -22.28 2.51 26.51
CA VAL C 12 -21.88 1.36 25.71
C VAL C 12 -21.87 0.09 26.54
N LEU C 13 -21.33 0.15 27.77
CA LEU C 13 -21.08 -1.05 28.56
C LEU C 13 -22.37 -1.73 29.00
N GLN C 14 -23.34 -0.94 29.50
CA GLN C 14 -24.64 -1.49 29.85
C GLN C 14 -25.38 -2.03 28.64
N LYS C 15 -25.16 -1.42 27.47
CA LYS C 15 -25.77 -1.89 26.23
C LYS C 15 -25.23 -3.25 25.83
N ILE C 16 -23.90 -3.45 25.93
CA ILE C 16 -23.32 -4.74 25.57
C ILE C 16 -23.70 -5.81 26.60
N LEU C 17 -23.81 -5.42 27.88
CA LEU C 17 -24.26 -6.38 28.90
C LEU C 17 -25.71 -6.81 28.69
N ILE C 18 -26.57 -5.86 28.30
CA ILE C 18 -27.97 -6.17 28.00
C ILE C 18 -28.06 -7.07 26.77
N GLY C 19 -27.26 -6.77 25.74
CA GLY C 19 -27.26 -7.62 24.54
C GLY C 19 -26.72 -9.02 24.82
N LEU C 20 -25.74 -9.13 25.72
CA LEU C 20 -25.20 -10.43 26.10
C LEU C 20 -26.23 -11.27 26.86
N ILE C 21 -26.92 -10.65 27.83
CA ILE C 21 -27.90 -11.38 28.64
C ILE C 21 -29.09 -11.81 27.78
N LEU C 22 -29.62 -10.89 26.96
CA LEU C 22 -30.72 -11.23 26.07
C LEU C 22 -30.30 -12.24 25.00
N GLY C 23 -29.03 -12.20 24.57
CA GLY C 23 -28.57 -13.18 23.61
C GLY C 23 -28.49 -14.58 24.20
N ALA C 24 -27.99 -14.69 25.43
CA ALA C 24 -27.96 -15.99 26.10
C ALA C 24 -29.36 -16.53 26.35
N ILE C 25 -30.30 -15.65 26.73
CA ILE C 25 -31.66 -16.08 27.02
C ILE C 25 -32.37 -16.56 25.75
N VAL C 26 -32.31 -15.75 24.68
CA VAL C 26 -32.98 -16.10 23.42
C VAL C 26 -32.31 -17.31 22.78
N GLY C 27 -30.99 -17.44 22.93
CA GLY C 27 -30.30 -18.61 22.39
C GLY C 27 -30.66 -19.90 23.09
N LEU C 28 -30.76 -19.87 24.42
CA LEU C 28 -31.13 -21.08 25.14
C LEU C 28 -32.61 -21.44 24.91
N ILE C 29 -33.48 -20.44 24.82
CA ILE C 29 -34.90 -20.72 24.58
C ILE C 29 -35.13 -21.27 23.18
N LEU C 30 -34.49 -20.69 22.16
CA LEU C 30 -34.61 -21.24 20.82
C LEU C 30 -33.81 -22.54 20.64
N GLY C 31 -32.87 -22.84 21.53
CA GLY C 31 -32.20 -24.12 21.48
C GLY C 31 -32.98 -25.24 22.14
N HIS C 32 -33.85 -24.91 23.10
CA HIS C 32 -34.72 -25.95 23.66
C HIS C 32 -35.82 -26.39 22.70
N TYR C 33 -36.28 -25.48 21.83
CA TYR C 33 -37.38 -25.78 20.92
C TYR C 33 -36.93 -26.40 19.61
N GLY C 34 -35.64 -26.73 19.47
CA GLY C 34 -35.13 -27.29 18.25
C GLY C 34 -35.06 -26.31 17.09
N TYR C 35 -34.96 -25.02 17.38
CA TYR C 35 -34.97 -23.96 16.36
C TYR C 35 -33.57 -23.49 16.03
N ALA C 36 -32.58 -24.39 16.04
CA ALA C 36 -31.19 -23.97 15.92
C ALA C 36 -30.84 -23.52 14.51
N HIS C 37 -31.37 -24.21 13.49
CA HIS C 37 -31.05 -23.83 12.12
C HIS C 37 -31.71 -22.52 11.72
N ALA C 38 -32.89 -22.23 12.27
CA ALA C 38 -33.59 -20.99 11.95
C ALA C 38 -32.88 -19.79 12.58
N VAL C 39 -32.51 -19.91 13.86
CA VAL C 39 -31.78 -18.84 14.53
C VAL C 39 -30.37 -18.69 13.94
N HIS C 40 -29.81 -19.80 13.43
CA HIS C 40 -28.55 -19.74 12.68
C HIS C 40 -28.69 -18.88 11.44
N THR C 41 -29.54 -19.30 10.50
CA THR C 41 -29.62 -18.66 9.19
C THR C 41 -30.28 -17.28 9.25
N TYR C 42 -30.93 -16.93 10.36
CA TYR C 42 -31.55 -15.61 10.43
C TYR C 42 -30.92 -14.67 11.46
N VAL C 43 -29.96 -15.13 12.28
CA VAL C 43 -29.38 -14.30 13.33
C VAL C 43 -27.85 -14.24 13.21
N LYS C 44 -27.19 -15.39 12.99
CA LYS C 44 -25.73 -15.50 12.90
C LYS C 44 -25.00 -14.55 11.93
N PRO C 45 -25.58 -14.15 10.77
CA PRO C 45 -24.90 -13.14 9.94
C PRO C 45 -24.61 -11.79 10.59
N PHE C 46 -25.36 -11.38 11.61
CA PHE C 46 -25.03 -10.12 12.29
C PHE C 46 -23.73 -10.25 13.09
N GLY C 47 -23.57 -11.37 13.79
CA GLY C 47 -22.31 -11.64 14.47
C GLY C 47 -21.17 -11.87 13.50
N ASP C 48 -21.45 -12.46 12.34
CA ASP C 48 -20.44 -12.58 11.30
C ASP C 48 -20.03 -11.21 10.76
N LEU C 49 -20.96 -10.27 10.67
CA LEU C 49 -20.61 -8.91 10.24
C LEU C 49 -19.75 -8.21 11.30
N PHE C 50 -20.05 -8.46 12.58
CA PHE C 50 -19.22 -7.91 13.66
C PHE C 50 -17.80 -8.46 13.62
N VAL C 51 -17.68 -9.79 13.42
CA VAL C 51 -16.37 -10.44 13.32
C VAL C 51 -15.61 -9.94 12.09
N ARG C 52 -16.32 -9.73 10.98
CA ARG C 52 -15.66 -9.24 9.78
C ARG C 52 -15.22 -7.79 9.90
N LEU C 53 -15.96 -6.97 10.66
CA LEU C 53 -15.52 -5.59 10.89
C LEU C 53 -14.26 -5.55 11.74
N LEU C 54 -14.19 -6.40 12.78
CA LEU C 54 -12.97 -6.45 13.59
C LEU C 54 -11.79 -7.00 12.80
N CYS C 55 -12.02 -8.02 11.97
CA CYS C 55 -10.95 -8.54 11.12
C CYS C 55 -10.51 -7.55 10.05
N MET C 56 -11.42 -6.68 9.59
CA MET C 56 -11.03 -5.58 8.73
C MET C 56 -10.11 -4.63 9.47
N LEU C 57 -10.43 -4.31 10.72
CA LEU C 57 -9.64 -3.35 11.47
C LEU C 57 -8.35 -3.91 12.06
N VAL C 58 -8.07 -5.21 11.89
CA VAL C 58 -6.81 -5.76 12.41
C VAL C 58 -5.59 -5.07 11.82
N MET C 59 -5.36 -5.23 10.50
CA MET C 59 -4.03 -4.96 9.92
C MET C 59 -3.56 -3.50 9.82
N PRO C 60 -4.41 -2.51 9.47
CA PRO C 60 -3.91 -1.12 9.53
C PRO C 60 -3.57 -0.65 10.93
N ILE C 61 -4.26 -1.18 11.96
CA ILE C 61 -3.88 -0.88 13.34
C ILE C 61 -2.49 -1.42 13.64
N VAL C 62 -2.17 -2.63 13.15
CA VAL C 62 -0.84 -3.23 13.30
C VAL C 62 0.23 -2.32 12.72
N PHE C 63 0.09 -1.99 11.42
CA PHE C 63 1.13 -1.22 10.73
C PHE C 63 1.27 0.18 11.30
N ALA C 64 0.16 0.94 11.37
CA ALA C 64 0.25 2.33 11.78
C ALA C 64 0.57 2.48 13.26
N SER C 65 -0.05 1.66 14.11
CA SER C 65 0.19 1.74 15.54
C SER C 65 1.61 1.34 15.89
N LEU C 66 2.17 0.33 15.22
CA LEU C 66 3.55 -0.01 15.55
C LEU C 66 4.55 0.97 14.97
N VAL C 67 4.23 1.63 13.84
CA VAL C 67 5.13 2.69 13.35
C VAL C 67 5.16 3.85 14.35
N VAL C 68 3.98 4.27 14.83
CA VAL C 68 3.93 5.38 15.78
C VAL C 68 4.54 5.00 17.12
N GLY C 69 4.30 3.77 17.59
CA GLY C 69 4.81 3.36 18.88
C GLY C 69 6.30 3.09 18.88
N ALA C 70 6.82 2.54 17.80
CA ALA C 70 8.26 2.46 17.65
C ALA C 70 8.89 3.82 17.42
N ALA C 71 8.11 4.79 16.93
CA ALA C 71 8.57 6.16 16.91
C ALA C 71 8.52 6.82 18.28
N SER C 72 7.76 6.26 19.22
CA SER C 72 7.68 6.80 20.56
C SER C 72 8.54 6.04 21.58
N ILE C 73 9.19 4.96 21.16
CA ILE C 73 10.00 4.12 22.05
C ILE C 73 11.45 4.06 21.60
N SER C 74 11.79 4.72 20.49
CA SER C 74 13.04 4.48 19.78
C SER C 74 14.25 4.94 20.58
N PRO C 75 15.39 4.24 20.44
CA PRO C 75 16.61 4.65 21.15
C PRO C 75 17.26 5.91 20.61
N ALA C 76 16.74 6.53 19.54
CA ALA C 76 17.30 7.78 19.07
C ALA C 76 16.99 8.94 20.01
N ARG C 77 15.83 8.92 20.66
CA ARG C 77 15.46 9.96 21.63
C ARG C 77 14.98 9.28 22.91
N LEU C 78 15.92 8.90 23.77
CA LEU C 78 15.62 8.34 25.08
C LEU C 78 16.74 8.72 26.05
N GLY C 79 16.37 9.09 27.25
CA GLY C 79 17.31 9.38 28.32
C GLY C 79 17.56 8.16 29.18
N ARG C 80 17.85 8.42 30.45
CA ARG C 80 18.01 7.32 31.41
C ARG C 80 16.66 6.85 31.92
N VAL C 81 15.73 7.78 32.14
CA VAL C 81 14.39 7.44 32.61
C VAL C 81 13.63 6.66 31.54
N GLY C 82 13.86 7.02 30.27
CA GLY C 82 13.16 6.36 29.18
C GLY C 82 13.54 4.90 29.04
N VAL C 83 14.84 4.61 29.01
CA VAL C 83 15.30 3.22 28.95
C VAL C 83 14.93 2.48 30.23
N LYS C 84 15.03 3.17 31.37
CA LYS C 84 14.76 2.57 32.68
C LYS C 84 13.30 2.14 32.81
N ILE C 85 12.36 2.84 32.18
CA ILE C 85 10.97 2.43 32.26
C ILE C 85 10.53 1.60 31.05
N VAL C 86 11.21 1.72 29.91
CA VAL C 86 10.83 0.90 28.76
C VAL C 86 11.25 -0.55 28.97
N VAL C 87 12.43 -0.78 29.57
CA VAL C 87 12.82 -2.16 29.85
C VAL C 87 11.94 -2.76 30.94
N TYR C 88 11.45 -1.93 31.87
CA TYR C 88 10.50 -2.40 32.88
C TYR C 88 9.17 -2.78 32.24
N TYR C 89 8.68 -1.96 31.32
CA TYR C 89 7.38 -2.21 30.69
C TYR C 89 7.41 -3.47 29.84
N LEU C 90 8.48 -3.65 29.05
CA LEU C 90 8.57 -4.85 28.22
C LEU C 90 8.80 -6.11 29.05
N LEU C 91 9.67 -6.03 30.08
CA LEU C 91 9.92 -7.19 30.92
C LEU C 91 8.74 -7.52 31.82
N THR C 92 7.84 -6.57 32.07
CA THR C 92 6.62 -6.86 32.81
C THR C 92 5.54 -7.44 31.91
N SER C 93 5.44 -6.97 30.65
CA SER C 93 4.47 -7.52 29.72
C SER C 93 4.79 -8.97 29.36
N ALA C 94 6.09 -9.30 29.25
CA ALA C 94 6.47 -10.68 28.94
C ALA C 94 6.14 -11.62 30.10
N PHE C 95 6.37 -11.18 31.34
CA PHE C 95 6.03 -12.03 32.47
C PHE C 95 4.53 -12.08 32.70
N ALA C 96 3.80 -11.05 32.27
CA ALA C 96 2.35 -11.09 32.36
C ALA C 96 1.76 -12.09 31.36
N VAL C 97 2.29 -12.13 30.13
CA VAL C 97 1.75 -13.12 29.19
C VAL C 97 2.23 -14.53 29.57
N THR C 98 3.38 -14.66 30.22
CA THR C 98 3.79 -15.96 30.74
C THR C 98 2.89 -16.42 31.89
N LEU C 99 2.48 -15.47 32.75
CA LEU C 99 1.50 -15.79 33.78
C LEU C 99 0.14 -16.13 33.19
N GLY C 100 -0.20 -15.54 32.04
CA GLY C 100 -1.42 -15.93 31.35
C GLY C 100 -1.36 -17.35 30.81
N ILE C 101 -0.20 -17.75 30.28
CA ILE C 101 0.00 -19.15 29.88
C ILE C 101 -0.11 -20.08 31.09
N ILE C 102 0.46 -19.69 32.22
CA ILE C 102 0.43 -20.50 33.44
C ILE C 102 -1.01 -20.63 33.95
N MET C 103 -1.76 -19.53 33.97
CA MET C 103 -3.14 -19.56 34.44
C MET C 103 -4.07 -20.26 33.46
N ALA C 104 -3.70 -20.34 32.18
CA ALA C 104 -4.48 -21.13 31.25
C ALA C 104 -4.16 -22.62 31.38
N ARG C 105 -2.95 -22.95 31.81
CA ARG C 105 -2.59 -24.34 32.04
C ARG C 105 -3.16 -24.85 33.37
N LEU C 106 -3.23 -24.00 34.38
CA LEU C 106 -3.70 -24.44 35.70
C LEU C 106 -5.21 -24.65 35.70
N PHE C 107 -5.95 -23.87 34.94
CA PHE C 107 -7.36 -24.14 34.69
C PHE C 107 -7.46 -25.01 33.43
N ASN C 108 -8.67 -25.19 32.92
CA ASN C 108 -8.87 -25.85 31.62
C ASN C 108 -9.94 -25.09 30.86
N PRO C 109 -9.57 -23.99 30.20
CA PRO C 109 -10.55 -23.19 29.46
C PRO C 109 -10.92 -23.86 28.15
N GLY C 110 -12.21 -24.16 27.98
CA GLY C 110 -12.68 -24.71 26.73
C GLY C 110 -12.39 -26.17 26.50
N ALA C 111 -12.17 -26.94 27.56
CA ALA C 111 -12.06 -28.38 27.40
C ALA C 111 -13.45 -29.00 27.26
N GLY C 112 -13.47 -30.28 26.91
CA GLY C 112 -14.75 -30.96 26.75
C GLY C 112 -15.51 -30.69 25.46
N ILE C 113 -15.70 -29.40 25.12
CA ILE C 113 -16.38 -29.04 23.89
C ILE C 113 -15.49 -29.35 22.69
N HIS C 114 -16.12 -29.81 21.60
CA HIS C 114 -15.42 -30.11 20.36
C HIS C 114 -16.13 -29.37 19.24
N LEU C 115 -15.42 -28.47 18.59
CA LEU C 115 -16.03 -27.48 17.69
C LEU C 115 -15.93 -27.87 16.23
N ALA C 116 -16.07 -29.15 15.91
CA ALA C 116 -16.06 -29.57 14.51
C ALA C 116 -17.37 -29.16 13.84
N VAL C 117 -17.43 -27.92 13.36
CA VAL C 117 -18.69 -27.40 12.82
C VAL C 117 -18.94 -27.91 11.40
N GLY C 118 -17.90 -28.20 10.64
CA GLY C 118 -18.07 -28.73 9.30
C GLY C 118 -18.04 -30.24 9.22
N GLY C 119 -17.96 -30.94 10.36
CA GLY C 119 -17.84 -32.37 10.38
C GLY C 119 -16.42 -32.89 10.50
N GLN C 120 -15.42 -32.01 10.45
CA GLN C 120 -14.02 -32.39 10.61
C GLN C 120 -13.38 -31.49 11.65
N GLN C 121 -12.43 -32.04 12.40
CA GLN C 121 -11.69 -31.25 13.35
C GLN C 121 -10.61 -30.44 12.63
N PHE C 122 -10.22 -29.34 13.24
CA PHE C 122 -9.14 -28.50 12.72
C PHE C 122 -7.82 -29.23 12.97
N GLN C 123 -7.17 -29.67 11.91
CA GLN C 123 -5.85 -30.28 12.03
C GLN C 123 -4.78 -29.22 11.81
N PRO C 124 -3.83 -29.06 12.73
CA PRO C 124 -2.81 -28.02 12.55
C PRO C 124 -1.82 -28.43 11.45
N HIS C 125 -1.44 -27.47 10.63
CA HIS C 125 -0.40 -27.71 9.64
C HIS C 125 0.95 -27.88 10.34
N GLN C 126 1.80 -28.72 9.75
CA GLN C 126 3.05 -29.09 10.39
C GLN C 126 4.01 -27.90 10.43
N ALA C 127 4.67 -27.74 11.56
CA ALA C 127 5.52 -26.58 11.78
C ALA C 127 6.80 -26.69 10.97
N PRO C 128 7.30 -25.57 10.46
CA PRO C 128 8.62 -25.56 9.82
C PRO C 128 9.71 -25.67 10.88
N PRO C 129 10.98 -25.85 10.48
CA PRO C 129 12.08 -25.79 11.45
C PRO C 129 12.19 -24.41 12.10
N LEU C 130 12.97 -24.37 13.19
CA LEU C 130 13.07 -23.16 14.00
C LEU C 130 13.77 -22.04 13.25
N VAL C 131 14.78 -22.36 12.47
CA VAL C 131 15.48 -21.32 11.73
C VAL C 131 14.65 -20.82 10.56
N HIS C 132 13.69 -21.62 10.06
CA HIS C 132 12.82 -21.14 8.99
C HIS C 132 11.85 -20.09 9.49
N ILE C 133 11.29 -20.27 10.69
CA ILE C 133 10.41 -19.23 11.20
C ILE C 133 11.20 -18.03 11.72
N LEU C 134 12.42 -18.26 12.24
CA LEU C 134 13.24 -17.13 12.69
C LEU C 134 13.81 -16.33 11.52
N LEU C 135 13.89 -16.91 10.32
CA LEU C 135 14.20 -16.15 9.13
C LEU C 135 12.96 -15.57 8.46
N ASP C 136 11.81 -16.23 8.60
CA ASP C 136 10.56 -15.74 8.04
C ASP C 136 9.90 -14.68 8.89
N ILE C 137 10.48 -14.33 10.05
CA ILE C 137 10.11 -13.09 10.72
C ILE C 137 10.44 -11.89 9.83
N VAL C 138 11.60 -11.90 9.20
CA VAL C 138 11.97 -10.82 8.27
C VAL C 138 11.26 -11.05 6.94
N PRO C 139 10.51 -10.08 6.43
CA PRO C 139 9.77 -10.29 5.18
C PRO C 139 10.66 -10.18 3.95
N THR C 140 10.22 -10.86 2.88
CA THR C 140 10.80 -10.65 1.56
C THR C 140 10.19 -9.45 0.86
N ASN C 141 8.93 -9.16 1.14
CA ASN C 141 8.24 -8.01 0.56
C ASN C 141 7.39 -7.33 1.64
N PRO C 142 7.66 -6.06 1.96
CA PRO C 142 6.84 -5.41 2.99
C PRO C 142 5.41 -5.16 2.54
N PHE C 143 5.21 -4.72 1.30
CA PHE C 143 3.85 -4.65 0.75
C PHE C 143 3.25 -6.03 0.57
N GLY C 144 4.09 -7.03 0.27
CA GLY C 144 3.59 -8.38 0.16
C GLY C 144 3.14 -8.96 1.48
N ALA C 145 3.96 -8.78 2.52
CA ALA C 145 3.58 -9.24 3.85
C ALA C 145 2.43 -8.43 4.43
N LEU C 146 2.28 -7.18 3.98
CA LEU C 146 1.14 -6.37 4.37
C LEU C 146 -0.13 -6.74 3.63
N ALA C 147 -0.01 -7.37 2.45
CA ALA C 147 -1.15 -7.58 1.58
C ALA C 147 -1.86 -8.92 1.79
N ASN C 148 -1.29 -9.85 2.57
CA ASN C 148 -2.04 -11.05 2.94
C ASN C 148 -1.58 -11.56 4.32
N GLY C 149 -2.27 -11.08 5.35
CA GLY C 149 -2.04 -11.57 6.71
C GLY C 149 -0.68 -11.18 7.22
N GLN C 150 0.03 -12.16 7.79
CA GLN C 150 1.45 -12.11 8.13
C GLN C 150 1.75 -10.98 9.13
N VAL C 151 1.24 -11.19 10.35
CA VAL C 151 1.31 -10.18 11.40
C VAL C 151 2.75 -9.92 11.84
N LEU C 152 3.55 -10.98 12.02
CA LEU C 152 4.92 -10.82 12.48
C LEU C 152 5.87 -10.10 11.49
N PRO C 153 5.84 -10.36 10.17
CA PRO C 153 6.65 -9.51 9.28
C PRO C 153 6.21 -8.06 9.22
N THR C 154 4.91 -7.79 9.29
CA THR C 154 4.42 -6.43 9.36
C THR C 154 4.88 -5.74 10.64
N ILE C 155 4.91 -6.50 11.75
CA ILE C 155 5.40 -5.97 13.03
C ILE C 155 6.86 -5.60 12.94
N PHE C 156 7.68 -6.48 12.34
CA PHE C 156 9.12 -6.22 12.20
C PHE C 156 9.38 -5.01 11.30
N PHE C 157 8.71 -4.96 10.15
CA PHE C 157 8.92 -3.85 9.22
C PHE C 157 8.42 -2.53 9.80
N ALA C 158 7.34 -2.56 10.59
CA ALA C 158 6.83 -1.33 11.18
C ALA C 158 7.75 -0.80 12.27
N ILE C 159 8.32 -1.70 13.09
CA ILE C 159 9.24 -1.27 14.13
C ILE C 159 10.52 -0.69 13.52
N ILE C 160 11.03 -1.34 12.46
CA ILE C 160 12.23 -0.85 11.79
C ILE C 160 11.97 0.50 11.11
N LEU C 161 10.80 0.66 10.49
CA LEU C 161 10.46 1.92 9.82
C LEU C 161 10.28 3.06 10.82
N GLY C 162 9.72 2.77 11.99
CA GLY C 162 9.56 3.82 12.99
C GLY C 162 10.89 4.26 13.61
N ILE C 163 11.79 3.30 13.87
CA ILE C 163 13.11 3.63 14.38
C ILE C 163 13.89 4.43 13.33
N ALA C 164 13.72 4.10 12.05
CA ALA C 164 14.36 4.86 10.98
C ALA C 164 13.77 6.27 10.85
N ILE C 165 12.47 6.43 11.08
CA ILE C 165 11.85 7.75 11.03
C ILE C 165 12.42 8.65 12.13
N THR C 166 12.56 8.11 13.35
CA THR C 166 13.14 8.93 14.42
C THR C 166 14.63 9.19 14.22
N TYR C 167 15.36 8.27 13.60
CA TYR C 167 16.75 8.58 13.27
C TYR C 167 16.84 9.57 12.11
N LEU C 168 15.78 9.68 11.31
CA LEU C 168 15.74 10.65 10.22
C LEU C 168 15.38 12.04 10.72
N MET C 169 14.61 12.15 11.80
CA MET C 169 14.17 13.46 12.29
C MET C 169 15.22 14.18 13.14
N ASN C 170 16.47 13.72 13.16
CA ASN C 170 17.52 14.38 13.94
C ASN C 170 18.75 14.66 13.08
N SER C 171 18.55 14.92 11.80
CA SER C 171 19.66 15.19 10.89
C SER C 171 19.78 16.69 10.65
N GLU C 172 20.91 17.07 10.04
CA GLU C 172 21.22 18.49 9.82
C GLU C 172 20.44 19.07 8.65
N ASN C 173 19.96 18.23 7.73
CA ASN C 173 19.19 18.71 6.59
C ASN C 173 17.80 19.15 7.05
N GLU C 174 17.13 19.91 6.18
CA GLU C 174 15.79 20.44 6.45
C GLU C 174 14.71 19.72 5.66
N LYS C 175 15.00 19.38 4.40
CA LYS C 175 14.02 18.73 3.54
C LYS C 175 13.70 17.33 4.03
N VAL C 176 14.70 16.57 4.45
CA VAL C 176 14.44 15.22 4.95
C VAL C 176 13.80 15.26 6.33
N ARG C 177 14.00 16.34 7.10
CA ARG C 177 13.34 16.47 8.39
C ARG C 177 11.85 16.74 8.20
N LYS C 178 11.51 17.67 7.31
CA LYS C 178 10.11 17.93 7.00
C LYS C 178 9.45 16.73 6.34
N SER C 179 10.21 15.97 5.54
CA SER C 179 9.67 14.78 4.88
C SER C 179 9.37 13.68 5.90
N ALA C 180 10.28 13.45 6.85
CA ALA C 180 10.03 12.45 7.88
C ALA C 180 8.89 12.86 8.80
N GLU C 181 8.78 14.16 9.10
CA GLU C 181 7.68 14.65 9.91
C GLU C 181 6.35 14.48 9.19
N THR C 182 6.33 14.71 7.87
CA THR C 182 5.10 14.54 7.09
C THR C 182 4.67 13.08 7.02
N LEU C 183 5.64 12.17 6.82
CA LEU C 183 5.31 10.74 6.77
C LEU C 183 4.81 10.23 8.11
N LEU C 184 5.47 10.64 9.21
CA LEU C 184 5.04 10.21 10.53
C LEU C 184 3.68 10.76 10.89
N ASP C 185 3.38 12.00 10.47
CA ASP C 185 2.06 12.56 10.76
C ASP C 185 0.96 11.89 9.94
N ALA C 186 1.27 11.50 8.68
CA ALA C 186 0.28 10.78 7.88
C ALA C 186 -0.02 9.40 8.46
N ILE C 187 1.01 8.69 8.90
CA ILE C 187 0.80 7.38 9.51
C ILE C 187 0.06 7.50 10.85
N ASN C 188 0.35 8.56 11.62
CA ASN C 188 -0.38 8.79 12.86
C ASN C 188 -1.84 9.11 12.61
N GLY C 189 -2.13 9.83 11.53
CA GLY C 189 -3.51 10.08 11.16
C GLY C 189 -4.24 8.81 10.74
N LEU C 190 -3.53 7.90 10.06
CA LEU C 190 -4.11 6.61 9.74
C LEU C 190 -4.43 5.81 10.99
N ALA C 191 -3.53 5.84 11.98
CA ALA C 191 -3.76 5.11 13.24
C ALA C 191 -4.96 5.67 14.00
N GLU C 192 -5.06 7.00 14.12
CA GLU C 192 -6.17 7.58 14.85
C GLU C 192 -7.49 7.43 14.09
N ALA C 193 -7.45 7.39 12.77
CA ALA C 193 -8.65 7.11 11.99
C ALA C 193 -9.13 5.67 12.21
N MET C 194 -8.20 4.72 12.28
CA MET C 194 -8.57 3.34 12.60
C MET C 194 -9.13 3.22 14.02
N TYR C 195 -8.64 4.02 14.96
CA TYR C 195 -9.22 4.01 16.30
C TYR C 195 -10.61 4.61 16.32
N LYS C 196 -10.89 5.59 15.48
CA LYS C 196 -12.26 6.09 15.41
C LYS C 196 -13.20 5.07 14.76
N ILE C 197 -12.69 4.30 13.79
CA ILE C 197 -13.50 3.23 13.21
C ILE C 197 -13.78 2.15 14.24
N VAL C 198 -12.81 1.81 15.08
CA VAL C 198 -13.08 0.77 16.08
C VAL C 198 -13.97 1.30 17.20
N ASN C 199 -13.99 2.62 17.45
CA ASN C 199 -15.00 3.18 18.33
C ASN C 199 -16.41 3.03 17.74
N GLY C 200 -16.54 3.25 16.42
CA GLY C 200 -17.83 3.03 15.79
C GLY C 200 -18.26 1.57 15.76
N VAL C 201 -17.31 0.66 15.55
CA VAL C 201 -17.62 -0.77 15.53
C VAL C 201 -18.02 -1.25 16.91
N MET C 202 -17.33 -0.77 17.96
CA MET C 202 -17.75 -1.12 19.31
C MET C 202 -19.03 -0.41 19.73
N GLN C 203 -19.41 0.66 19.04
CA GLN C 203 -20.77 1.18 19.21
C GLN C 203 -21.80 0.24 18.59
N TYR C 204 -21.46 -0.37 17.45
CA TYR C 204 -22.37 -1.34 16.83
C TYR C 204 -22.45 -2.64 17.64
N ALA C 205 -21.38 -2.99 18.35
CA ALA C 205 -21.13 -4.27 19.01
C ALA C 205 -22.22 -4.96 19.85
N PRO C 206 -23.19 -4.28 20.48
CA PRO C 206 -24.29 -5.03 21.15
C PRO C 206 -25.08 -5.97 20.26
N ILE C 207 -25.41 -5.58 19.03
CA ILE C 207 -26.16 -6.47 18.13
C ILE C 207 -25.30 -7.67 17.74
N GLY C 208 -24.00 -7.47 17.54
CA GLY C 208 -23.12 -8.57 17.19
C GLY C 208 -22.90 -9.52 18.34
N VAL C 209 -22.77 -8.99 19.56
CA VAL C 209 -22.64 -9.83 20.75
C VAL C 209 -23.93 -10.62 20.98
N PHE C 210 -25.09 -9.98 20.75
CA PHE C 210 -26.38 -10.64 20.87
C PHE C 210 -26.50 -11.79 19.88
N ALA C 211 -26.11 -11.56 18.61
CA ALA C 211 -26.20 -12.60 17.60
C ALA C 211 -25.24 -13.75 17.85
N LEU C 212 -24.00 -13.42 18.26
CA LEU C 212 -22.99 -14.45 18.49
C LEU C 212 -23.36 -15.33 19.68
N ILE C 213 -23.79 -14.72 20.79
CA ILE C 213 -24.16 -15.51 21.96
C ILE C 213 -25.47 -16.25 21.74
N ALA C 214 -26.38 -15.71 20.92
CA ALA C 214 -27.61 -16.42 20.59
C ALA C 214 -27.32 -17.69 19.78
N TYR C 215 -26.48 -17.57 18.75
CA TYR C 215 -26.10 -18.75 17.97
C TYR C 215 -25.29 -19.74 18.79
N VAL C 216 -24.44 -19.25 19.71
CA VAL C 216 -23.59 -20.14 20.48
C VAL C 216 -24.41 -20.92 21.51
N MET C 217 -25.32 -20.24 22.21
CA MET C 217 -26.18 -20.92 23.17
C MET C 217 -27.21 -21.81 22.49
N ALA C 218 -27.56 -21.51 21.23
CA ALA C 218 -28.49 -22.38 20.53
C ALA C 218 -27.82 -23.62 19.96
N GLU C 219 -26.57 -23.50 19.50
CA GLU C 219 -25.89 -24.64 18.89
C GLU C 219 -25.23 -25.53 19.95
N GLN C 220 -24.40 -24.93 20.81
CA GLN C 220 -23.67 -25.74 21.77
C GLN C 220 -24.53 -26.10 22.98
N GLY C 221 -25.32 -25.16 23.47
CA GLY C 221 -26.25 -25.41 24.55
C GLY C 221 -25.81 -24.77 25.86
N VAL C 222 -26.29 -25.35 26.95
CA VAL C 222 -25.98 -24.86 28.28
C VAL C 222 -24.54 -25.22 28.68
N HIS C 223 -23.94 -26.19 28.00
CA HIS C 223 -22.62 -26.71 28.36
C HIS C 223 -21.49 -25.73 28.09
N VAL C 224 -21.73 -24.62 27.41
CA VAL C 224 -20.67 -23.68 27.08
C VAL C 224 -20.58 -22.52 28.08
N VAL C 225 -21.64 -22.26 28.86
CA VAL C 225 -21.58 -21.14 29.80
C VAL C 225 -20.71 -21.49 31.00
N GLY C 226 -20.57 -22.78 31.32
CA GLY C 226 -19.62 -23.18 32.36
C GLY C 226 -18.18 -22.98 31.94
N GLU C 227 -17.87 -23.27 30.68
CA GLU C 227 -16.51 -23.04 30.18
C GLU C 227 -16.22 -21.55 30.02
N LEU C 228 -17.22 -20.75 29.66
CA LEU C 228 -17.04 -19.31 29.63
C LEU C 228 -16.84 -18.75 31.04
N ALA C 229 -17.53 -19.32 32.04
CA ALA C 229 -17.29 -18.94 33.43
C ALA C 229 -15.90 -19.36 33.89
N LYS C 230 -15.40 -20.50 33.39
CA LYS C 230 -14.04 -20.91 33.68
C LYS C 230 -13.03 -19.95 33.06
N VAL C 231 -13.34 -19.42 31.87
CA VAL C 231 -12.49 -18.44 31.21
C VAL C 231 -12.43 -17.15 32.02
N THR C 232 -13.60 -16.67 32.48
CA THR C 232 -13.66 -15.44 33.28
C THR C 232 -12.94 -15.62 34.61
N ALA C 233 -13.08 -16.80 35.23
CA ALA C 233 -12.40 -17.08 36.48
C ALA C 233 -10.89 -17.15 36.29
N ALA C 234 -10.43 -17.77 35.21
CA ALA C 234 -8.99 -17.86 34.94
C ALA C 234 -8.40 -16.48 34.67
N VAL C 235 -9.11 -15.64 33.90
CA VAL C 235 -8.63 -14.30 33.59
C VAL C 235 -8.55 -13.45 34.85
N TYR C 236 -9.61 -13.48 35.68
CA TYR C 236 -9.62 -12.59 36.84
C TYR C 236 -8.68 -13.08 37.95
N VAL C 237 -8.53 -14.39 38.12
CA VAL C 237 -7.55 -14.92 39.06
C VAL C 237 -6.13 -14.60 38.60
N GLY C 238 -5.88 -14.69 37.29
CA GLY C 238 -4.58 -14.31 36.77
C GLY C 238 -4.28 -12.84 36.92
N LEU C 239 -5.29 -11.99 36.76
CA LEU C 239 -5.06 -10.55 36.92
C LEU C 239 -4.85 -10.17 38.38
N THR C 240 -5.60 -10.80 39.30
CA THR C 240 -5.42 -10.54 40.72
C THR C 240 -4.06 -11.02 41.20
N LEU C 241 -3.62 -12.20 40.75
CA LEU C 241 -2.30 -12.69 41.13
C LEU C 241 -1.20 -11.88 40.45
N GLN C 242 -1.47 -11.34 39.25
CA GLN C 242 -0.52 -10.44 38.59
C GLN C 242 -0.30 -9.18 39.42
N ILE C 243 -1.41 -8.55 39.85
CA ILE C 243 -1.34 -7.35 40.69
C ILE C 243 -0.58 -7.64 41.97
N LEU C 244 -1.03 -8.65 42.73
CA LEU C 244 -0.46 -9.06 44.00
C LEU C 244 1.02 -9.40 43.89
N LEU C 245 1.34 -10.47 43.16
CA LEU C 245 2.72 -10.95 43.04
C LEU C 245 3.63 -9.89 42.42
N VAL C 246 3.36 -9.51 41.16
CA VAL C 246 4.29 -8.66 40.41
C VAL C 246 4.41 -7.28 41.05
N TYR C 247 3.28 -6.58 41.22
CA TYR C 247 3.37 -5.20 41.65
C TYR C 247 3.72 -5.09 43.14
N PHE C 248 3.21 -6.01 43.98
CA PHE C 248 3.47 -5.90 45.41
C PHE C 248 4.91 -6.30 45.74
N VAL C 249 5.44 -7.36 45.11
CA VAL C 249 6.83 -7.73 45.36
C VAL C 249 7.78 -6.72 44.74
N LEU C 250 7.45 -6.13 43.58
CA LEU C 250 8.32 -5.10 43.03
C LEU C 250 8.31 -3.83 43.88
N LEU C 251 7.16 -3.47 44.44
CA LEU C 251 7.11 -2.30 45.31
C LEU C 251 7.77 -2.55 46.65
N LYS C 252 7.75 -3.79 47.16
CA LYS C 252 8.42 -4.06 48.42
C LYS C 252 9.93 -4.26 48.24
N ILE C 253 10.38 -4.67 47.07
CA ILE C 253 11.81 -4.66 46.78
C ILE C 253 12.31 -3.23 46.62
N TYR C 254 11.57 -2.41 45.87
CA TYR C 254 12.00 -1.03 45.70
C TYR C 254 11.57 -0.13 46.86
N GLY C 255 10.94 -0.67 47.89
CA GLY C 255 10.78 0.06 49.14
C GLY C 255 9.56 0.94 49.25
N ILE C 256 8.53 0.71 48.45
CA ILE C 256 7.30 1.51 48.49
C ILE C 256 6.20 0.65 49.09
N ASP C 257 5.48 1.20 50.06
CA ASP C 257 4.45 0.45 50.77
C ASP C 257 3.23 0.24 49.87
N PRO C 258 2.80 -1.00 49.63
CA PRO C 258 1.75 -1.23 48.64
C PRO C 258 0.34 -0.88 49.09
N ILE C 259 0.08 -0.85 50.40
CA ILE C 259 -1.28 -0.60 50.88
C ILE C 259 -1.64 0.87 50.68
N SER C 260 -0.71 1.78 50.99
CA SER C 260 -0.96 3.20 50.75
C SER C 260 -1.01 3.52 49.26
N PHE C 261 -0.23 2.79 48.45
CA PHE C 261 -0.29 2.95 47.00
C PHE C 261 -1.64 2.50 46.44
N ILE C 262 -2.14 1.36 46.90
CA ILE C 262 -3.42 0.87 46.37
C ILE C 262 -4.59 1.64 46.99
N LYS C 263 -4.36 2.36 48.09
CA LYS C 263 -5.37 3.28 48.59
C LYS C 263 -5.40 4.57 47.77
N HIS C 264 -4.22 5.06 47.37
CA HIS C 264 -4.17 6.28 46.58
C HIS C 264 -4.58 6.07 45.12
N ALA C 265 -4.39 4.86 44.59
CA ALA C 265 -4.69 4.56 43.20
C ALA C 265 -6.15 4.13 42.98
N LYS C 266 -7.03 4.40 43.93
CA LYS C 266 -8.39 3.88 43.87
C LYS C 266 -9.20 4.55 42.76
N ASP C 267 -9.02 5.86 42.58
CA ASP C 267 -9.73 6.57 41.52
C ASP C 267 -9.26 6.11 40.13
N ALA C 268 -7.95 5.95 39.96
CA ALA C 268 -7.40 5.55 38.67
C ALA C 268 -7.72 4.10 38.35
N MET C 269 -7.95 3.27 39.37
CA MET C 269 -8.43 1.91 39.11
C MET C 269 -9.92 1.90 38.79
N LEU C 270 -10.72 2.67 39.53
CA LEU C 270 -12.17 2.56 39.41
C LEU C 270 -12.69 3.21 38.14
N THR C 271 -12.10 4.33 37.71
CA THR C 271 -12.58 4.93 36.48
C THR C 271 -12.13 4.15 35.25
N ALA C 272 -11.07 3.35 35.37
CA ALA C 272 -10.69 2.43 34.30
C ALA C 272 -11.54 1.18 34.32
N PHE C 273 -12.04 0.78 35.49
CA PHE C 273 -13.00 -0.32 35.55
C PHE C 273 -14.34 0.08 34.93
N VAL C 274 -14.81 1.29 35.21
CA VAL C 274 -16.08 1.74 34.65
C VAL C 274 -15.94 2.11 33.18
N THR C 275 -15.12 3.12 32.89
CA THR C 275 -14.81 3.48 31.50
C THR C 275 -13.59 2.66 31.09
N ARG C 276 -13.81 1.64 30.27
CA ARG C 276 -12.78 0.66 29.95
C ARG C 276 -11.82 1.21 28.88
N SER C 277 -11.02 2.19 29.30
CA SER C 277 -10.08 2.84 28.40
C SER C 277 -8.84 3.25 29.19
N SER C 278 -7.71 3.32 28.48
CA SER C 278 -6.48 3.80 29.10
C SER C 278 -6.21 5.26 28.77
N SER C 279 -6.51 5.68 27.54
CA SER C 279 -6.32 7.09 27.18
C SER C 279 -7.39 7.97 27.81
N GLY C 280 -8.57 7.41 28.10
CA GLY C 280 -9.61 8.18 28.75
C GLY C 280 -9.41 8.39 30.23
N THR C 281 -8.52 7.62 30.85
CA THR C 281 -8.24 7.74 32.28
C THR C 281 -6.87 8.36 32.54
N LEU C 282 -6.27 8.97 31.54
CA LEU C 282 -4.97 9.61 31.66
C LEU C 282 -4.96 10.86 32.55
N PRO C 283 -5.95 11.78 32.52
CA PRO C 283 -5.95 12.86 33.54
C PRO C 283 -6.16 12.35 34.95
N VAL C 284 -6.97 11.30 35.14
CA VAL C 284 -7.17 10.73 36.48
C VAL C 284 -5.88 10.06 36.95
N THR C 285 -5.16 9.40 36.04
CA THR C 285 -3.90 8.77 36.40
C THR C 285 -2.83 9.82 36.73
N MET C 286 -2.83 10.94 36.01
CA MET C 286 -1.92 12.04 36.32
C MET C 286 -2.27 12.68 37.66
N ARG C 287 -3.56 12.76 37.99
CA ARG C 287 -3.97 13.29 39.29
C ARG C 287 -3.57 12.37 40.43
N VAL C 288 -3.69 11.05 40.22
CA VAL C 288 -3.27 10.09 41.24
C VAL C 288 -1.76 10.12 41.43
N ALA C 289 -1.00 10.25 40.33
CA ALA C 289 0.45 10.37 40.45
C ALA C 289 0.85 11.72 41.06
N LYS C 290 0.01 12.74 40.92
CA LYS C 290 0.27 14.02 41.59
C LYS C 290 0.04 13.91 43.09
N GLU C 291 -1.01 13.19 43.50
CA GLU C 291 -1.23 12.95 44.93
C GLU C 291 -0.53 11.65 45.40
N MET C 292 0.76 11.52 45.09
CA MET C 292 1.55 10.41 45.59
C MET C 292 2.95 10.81 46.06
N GLY C 293 3.49 11.94 45.60
CA GLY C 293 4.86 12.30 45.89
C GLY C 293 5.82 12.08 44.74
N ILE C 294 5.33 12.09 43.51
CA ILE C 294 6.14 11.83 42.31
C ILE C 294 6.56 13.15 41.71
N SER C 295 7.82 13.24 41.29
CA SER C 295 8.35 14.47 40.69
C SER C 295 7.70 14.74 39.35
N GLU C 296 7.70 16.02 38.95
CA GLU C 296 6.89 16.48 37.82
C GLU C 296 7.40 15.93 36.50
N GLY C 297 8.70 16.03 36.25
CA GLY C 297 9.28 15.53 35.03
C GLY C 297 9.48 14.02 34.96
N ILE C 298 9.05 13.30 35.98
CA ILE C 298 9.15 11.85 36.02
C ILE C 298 7.77 11.18 36.10
N TYR C 299 6.70 11.96 36.25
CA TYR C 299 5.35 11.45 36.01
C TYR C 299 4.67 12.10 34.83
N SER C 300 5.18 13.23 34.33
CA SER C 300 4.60 13.88 33.16
C SER C 300 5.17 13.34 31.85
N PHE C 301 5.99 12.29 31.92
CA PHE C 301 6.55 11.63 30.74
C PHE C 301 6.12 10.18 30.63
N THR C 302 6.01 9.47 31.76
CA THR C 302 5.80 8.03 31.75
C THR C 302 4.35 7.62 31.61
N LEU C 303 3.42 8.41 32.12
CA LEU C 303 2.01 8.03 32.06
C LEU C 303 1.40 8.14 30.65
N PRO C 304 1.69 9.16 29.81
CA PRO C 304 1.28 9.04 28.40
C PRO C 304 2.04 7.97 27.64
N LEU C 305 3.24 7.60 28.09
CA LEU C 305 3.93 6.45 27.52
C LEU C 305 3.34 5.14 28.02
N GLY C 306 2.96 5.09 29.31
CA GLY C 306 2.37 3.89 29.88
C GLY C 306 0.96 3.63 29.40
N ALA C 307 0.24 4.65 28.98
CA ALA C 307 -1.07 4.46 28.38
C ALA C 307 -0.99 3.89 26.97
N THR C 308 0.20 3.81 26.39
CA THR C 308 0.41 3.30 25.05
C THR C 308 1.15 1.97 25.03
N ILE C 309 2.25 1.83 25.77
CA ILE C 309 3.14 0.69 25.61
C ILE C 309 3.11 -0.26 26.80
N ASN C 310 2.19 -0.06 27.75
CA ASN C 310 2.21 -0.85 28.98
C ASN C 310 0.89 -1.57 29.22
N MET C 311 0.41 -2.30 28.22
CA MET C 311 -0.76 -3.14 28.40
C MET C 311 -0.32 -4.44 29.08
N ASP C 312 -0.56 -4.51 30.40
CA ASP C 312 -0.14 -5.67 31.19
C ASP C 312 -1.25 -6.69 31.34
N GLY C 313 -2.51 -6.26 31.45
CA GLY C 313 -3.60 -7.19 31.60
C GLY C 313 -4.10 -7.70 30.27
N THR C 314 -3.89 -6.90 29.22
CA THR C 314 -4.28 -7.32 27.88
C THR C 314 -3.41 -8.47 27.41
N ALA C 315 -2.13 -8.49 27.79
CA ALA C 315 -1.28 -9.62 27.46
C ALA C 315 -1.64 -10.88 28.24
N LEU C 316 -2.14 -10.71 29.48
CA LEU C 316 -2.63 -11.87 30.22
C LEU C 316 -3.91 -12.41 29.59
N TYR C 317 -4.76 -11.51 29.08
CA TYR C 317 -5.93 -11.94 28.34
C TYR C 317 -5.54 -12.64 27.04
N GLN C 318 -4.45 -12.21 26.39
CA GLN C 318 -3.90 -12.94 25.25
C GLN C 318 -3.51 -14.35 25.64
N GLY C 319 -2.74 -14.49 26.73
CA GLY C 319 -2.25 -15.78 27.15
C GLY C 319 -3.35 -16.73 27.59
N VAL C 320 -4.46 -16.22 28.11
CA VAL C 320 -5.57 -17.10 28.43
C VAL C 320 -6.40 -17.43 27.20
N ALA C 321 -6.70 -16.43 26.36
CA ALA C 321 -7.61 -16.63 25.24
C ALA C 321 -7.01 -17.45 24.10
N THR C 322 -5.71 -17.31 23.82
CA THR C 322 -5.12 -18.11 22.75
C THR C 322 -4.95 -19.57 23.14
N PHE C 323 -5.04 -19.89 24.44
CA PHE C 323 -5.10 -21.28 24.87
C PHE C 323 -6.53 -21.79 25.00
N PHE C 324 -7.49 -20.90 25.28
CA PHE C 324 -8.89 -21.30 25.24
C PHE C 324 -9.32 -21.67 23.82
N ILE C 325 -8.91 -20.86 22.83
CA ILE C 325 -9.27 -21.14 21.45
C ILE C 325 -8.54 -22.39 20.94
N ALA C 326 -7.35 -22.67 21.48
CA ALA C 326 -6.65 -23.89 21.11
C ALA C 326 -7.30 -25.12 21.73
N ASN C 327 -7.68 -25.05 23.01
CA ASN C 327 -8.30 -26.17 23.69
C ASN C 327 -9.74 -26.42 23.24
N ALA C 328 -10.40 -25.41 22.66
CA ALA C 328 -11.76 -25.59 22.16
C ALA C 328 -11.79 -26.11 20.73
N LEU C 329 -10.64 -26.56 20.20
CA LEU C 329 -10.56 -27.16 18.87
C LEU C 329 -9.91 -28.52 18.87
N GLY C 330 -9.50 -29.04 20.02
CA GLY C 330 -8.88 -30.35 20.11
C GLY C 330 -7.37 -30.33 20.05
N SER C 331 -6.80 -29.40 19.29
CA SER C 331 -5.35 -29.31 19.16
C SER C 331 -4.74 -28.68 20.40
N HIS C 332 -3.42 -28.62 20.43
CA HIS C 332 -2.71 -27.99 21.54
C HIS C 332 -1.46 -27.32 21.00
N LEU C 333 -1.07 -26.25 21.67
CA LEU C 333 0.07 -25.45 21.22
C LEU C 333 1.37 -26.04 21.73
N THR C 334 2.36 -26.14 20.84
CA THR C 334 3.65 -26.71 21.18
C THR C 334 4.56 -25.65 21.77
N VAL C 335 5.58 -26.12 22.50
CA VAL C 335 6.63 -25.22 22.98
C VAL C 335 7.47 -24.80 21.79
N GLY C 336 7.48 -23.49 21.51
CA GLY C 336 7.93 -22.95 20.24
C GLY C 336 6.81 -22.28 19.47
N GLN C 337 5.56 -22.60 19.81
CA GLN C 337 4.40 -21.84 19.39
C GLN C 337 3.89 -20.92 20.50
N GLN C 338 4.33 -21.15 21.74
CA GLN C 338 3.99 -20.29 22.87
C GLN C 338 4.92 -19.09 22.99
N LEU C 339 6.18 -19.24 22.58
CA LEU C 339 7.06 -18.09 22.49
C LEU C 339 6.62 -17.14 21.38
N THR C 340 5.94 -17.66 20.35
CA THR C 340 5.31 -16.79 19.37
C THR C 340 4.18 -15.97 19.99
N ILE C 341 3.43 -16.58 20.92
CA ILE C 341 2.38 -15.85 21.65
C ILE C 341 3.01 -14.77 22.53
N VAL C 342 4.12 -15.09 23.21
CA VAL C 342 4.81 -14.11 24.04
C VAL C 342 5.36 -12.96 23.21
N LEU C 343 5.96 -13.25 22.06
CA LEU C 343 6.54 -12.22 21.19
C LEU C 343 5.45 -11.33 20.58
N THR C 344 4.38 -11.94 20.09
CA THR C 344 3.30 -11.22 19.42
C THR C 344 2.31 -10.65 20.43
N ALA C 345 2.50 -10.89 21.72
CA ALA C 345 1.75 -10.20 22.75
C ALA C 345 2.55 -9.11 23.42
N VAL C 346 3.88 -9.14 23.32
CA VAL C 346 4.71 -8.02 23.76
C VAL C 346 4.82 -6.96 22.67
N LEU C 347 5.11 -7.36 21.43
CA LEU C 347 5.35 -6.38 20.37
C LEU C 347 4.06 -5.77 19.83
N ALA C 348 2.90 -6.39 20.10
CA ALA C 348 1.65 -5.80 19.63
C ALA C 348 1.24 -4.61 20.47
N SER C 349 1.44 -4.70 21.79
CA SER C 349 1.11 -3.62 22.70
C SER C 349 2.31 -2.69 22.90
N ILE C 350 2.79 -2.17 21.78
CA ILE C 350 3.90 -1.22 21.77
C ILE C 350 3.52 0.11 21.15
N GLY C 351 2.37 0.20 20.50
CA GLY C 351 1.93 1.48 19.97
C GLY C 351 0.46 1.78 20.10
N THR C 352 -0.32 0.81 20.57
CA THR C 352 -1.77 0.92 20.55
C THR C 352 -2.25 1.78 21.71
N ALA C 353 -2.85 2.92 21.40
CA ALA C 353 -3.50 3.72 22.42
C ALA C 353 -4.77 3.05 22.90
N GLY C 354 -5.08 3.25 24.18
CA GLY C 354 -6.19 2.56 24.81
C GLY C 354 -7.56 3.02 24.35
N VAL C 355 -8.23 2.21 23.55
CA VAL C 355 -9.61 2.43 23.15
C VAL C 355 -10.41 1.21 23.57
N PRO C 356 -11.70 1.35 23.93
CA PRO C 356 -12.43 0.20 24.48
C PRO C 356 -12.75 -0.84 23.43
N GLY C 357 -12.33 -2.08 23.70
CA GLY C 357 -12.67 -3.20 22.84
C GLY C 357 -11.66 -3.53 21.77
N ALA C 358 -10.40 -3.18 21.95
CA ALA C 358 -9.37 -3.48 20.96
C ALA C 358 -8.55 -4.71 21.30
N GLY C 359 -8.79 -5.31 22.47
CA GLY C 359 -8.22 -6.61 22.76
C GLY C 359 -8.76 -7.70 21.86
N ALA C 360 -9.98 -7.52 21.35
CA ALA C 360 -10.52 -8.41 20.33
C ALA C 360 -9.77 -8.30 19.01
N ILE C 361 -9.11 -7.18 18.75
CA ILE C 361 -8.27 -7.02 17.57
C ILE C 361 -6.88 -7.59 17.81
N MET C 362 -6.33 -7.32 18.99
CA MET C 362 -5.04 -7.92 19.36
C MET C 362 -5.13 -9.45 19.47
N LEU C 363 -6.32 -9.98 19.74
CA LEU C 363 -6.49 -11.43 19.75
C LEU C 363 -6.37 -12.02 18.34
N CYS C 364 -6.92 -11.34 17.33
CA CYS C 364 -6.71 -11.80 15.96
C CYS C 364 -5.27 -11.58 15.51
N MET C 365 -4.62 -10.53 16.04
CA MET C 365 -3.19 -10.33 15.79
C MET C 365 -2.36 -11.49 16.33
N VAL C 366 -2.72 -11.99 17.51
CA VAL C 366 -1.99 -13.11 18.10
C VAL C 366 -2.32 -14.40 17.37
N LEU C 367 -3.60 -14.63 17.07
CA LEU C 367 -4.03 -15.90 16.46
C LEU C 367 -3.53 -16.04 15.03
N HIS C 368 -3.41 -14.93 14.30
CA HIS C 368 -2.95 -15.00 12.92
C HIS C 368 -1.46 -15.34 12.78
N SER C 369 -0.71 -15.28 13.88
CA SER C 369 0.71 -15.62 13.86
C SER C 369 1.03 -16.96 14.50
N VAL C 370 0.03 -17.61 15.10
CA VAL C 370 0.23 -18.91 15.75
C VAL C 370 0.00 -20.05 14.78
N GLY C 371 -1.05 -19.96 13.98
CA GLY C 371 -1.46 -21.06 13.14
C GLY C 371 -2.93 -21.36 13.33
N LEU C 372 -3.64 -20.39 13.91
CA LEU C 372 -5.09 -20.48 14.12
C LEU C 372 -5.75 -19.28 13.44
N PRO C 373 -5.82 -19.28 12.11
CA PRO C 373 -6.35 -18.11 11.41
C PRO C 373 -7.87 -18.08 11.41
N LEU C 374 -8.41 -16.87 11.22
CA LEU C 374 -9.85 -16.64 11.26
C LEU C 374 -10.56 -17.03 9.96
N THR C 375 -9.85 -17.64 9.00
CA THR C 375 -10.51 -18.08 7.78
C THR C 375 -11.09 -19.49 7.91
N ASP C 376 -10.47 -20.33 8.71
CA ASP C 376 -11.01 -21.67 8.95
C ASP C 376 -12.25 -21.59 9.82
N PRO C 377 -13.25 -22.45 9.59
CA PRO C 377 -14.55 -22.26 10.26
C PRO C 377 -14.56 -22.61 11.74
N ASN C 378 -13.54 -23.28 12.27
CA ASN C 378 -13.53 -23.63 13.69
C ASN C 378 -13.04 -22.47 14.55
N VAL C 379 -12.00 -21.79 14.09
CA VAL C 379 -11.47 -20.64 14.82
C VAL C 379 -12.47 -19.48 14.76
N ALA C 380 -13.25 -19.38 13.69
CA ALA C 380 -14.27 -18.34 13.61
C ALA C 380 -15.44 -18.58 14.56
N ALA C 381 -15.60 -19.81 15.06
CA ALA C 381 -16.59 -20.09 16.08
C ALA C 381 -16.01 -19.94 17.49
N ALA C 382 -14.77 -20.40 17.69
CA ALA C 382 -14.14 -20.23 19.00
C ALA C 382 -13.86 -18.77 19.32
N TYR C 383 -13.48 -17.99 18.31
CA TYR C 383 -13.30 -16.55 18.49
C TYR C 383 -14.62 -15.86 18.74
N ALA C 384 -15.72 -16.38 18.20
CA ALA C 384 -17.04 -15.86 18.54
C ALA C 384 -17.40 -16.14 20.00
N MET C 385 -17.08 -17.34 20.47
CA MET C 385 -17.33 -17.69 21.87
C MET C 385 -16.48 -16.86 22.83
N ILE C 386 -15.25 -16.51 22.44
CA ILE C 386 -14.44 -15.66 23.30
C ILE C 386 -14.73 -14.17 23.10
N LEU C 387 -15.36 -13.78 21.99
CA LEU C 387 -15.72 -12.40 21.73
C LEU C 387 -17.04 -12.01 22.38
N GLY C 388 -17.94 -12.97 22.58
CA GLY C 388 -19.22 -12.68 23.21
C GLY C 388 -19.13 -12.24 24.65
N ILE C 389 -18.03 -12.54 25.35
CA ILE C 389 -17.87 -12.15 26.74
C ILE C 389 -16.72 -11.17 26.88
N ASP C 390 -16.50 -10.36 25.84
CA ASP C 390 -15.38 -9.41 25.86
C ASP C 390 -15.64 -8.25 26.83
N ALA C 391 -16.91 -7.86 27.01
CA ALA C 391 -17.22 -6.70 27.84
C ALA C 391 -17.04 -6.98 29.31
N ILE C 392 -17.28 -8.22 29.76
CA ILE C 392 -17.05 -8.57 31.16
C ILE C 392 -15.61 -8.94 31.45
N LEU C 393 -14.73 -8.82 30.45
CA LEU C 393 -13.31 -9.00 30.65
C LEU C 393 -12.52 -7.72 30.44
N ASP C 394 -13.05 -6.78 29.65
CA ASP C 394 -12.35 -5.53 29.38
C ASP C 394 -12.23 -4.65 30.62
N MET C 395 -13.27 -4.67 31.47
CA MET C 395 -13.24 -3.93 32.73
C MET C 395 -12.17 -4.47 33.67
N GLY C 396 -11.92 -5.79 33.62
CA GLY C 396 -10.84 -6.34 34.41
C GLY C 396 -9.47 -6.02 33.85
N ARG C 397 -9.31 -6.18 32.54
CA ARG C 397 -8.00 -6.04 31.92
C ARG C 397 -7.63 -4.59 31.57
N THR C 398 -8.48 -3.62 31.91
CA THR C 398 -8.09 -2.22 31.83
C THR C 398 -7.61 -1.67 33.17
N MET C 399 -8.11 -2.22 34.28
CA MET C 399 -7.77 -1.73 35.62
C MET C 399 -6.30 -2.01 35.93
N VAL C 400 -5.84 -3.24 35.67
CA VAL C 400 -4.43 -3.57 35.87
C VAL C 400 -3.55 -2.89 34.83
N ASN C 401 -4.11 -2.61 33.64
CA ASN C 401 -3.38 -1.86 32.61
C ASN C 401 -3.09 -0.44 33.05
N VAL C 402 -4.00 0.16 33.82
CA VAL C 402 -3.75 1.49 34.39
C VAL C 402 -2.92 1.40 35.67
N THR C 403 -3.09 0.33 36.45
CA THR C 403 -2.34 0.14 37.71
C THR C 403 -0.84 -0.03 37.46
N GLY C 404 -0.47 -0.75 36.39
CA GLY C 404 0.93 -0.93 36.06
C GLY C 404 1.63 0.36 35.68
N ASP C 405 0.89 1.34 35.17
CA ASP C 405 1.45 2.66 34.86
C ASP C 405 1.93 3.36 36.10
N LEU C 406 1.07 3.44 37.13
CA LEU C 406 1.45 4.05 38.39
C LEU C 406 2.51 3.24 39.13
N THR C 407 2.49 1.92 39.00
CA THR C 407 3.52 1.09 39.61
C THR C 407 4.89 1.36 39.01
N GLY C 408 4.98 1.40 37.67
CA GLY C 408 6.23 1.72 37.02
C GLY C 408 6.69 3.14 37.24
N THR C 409 5.74 4.09 37.32
CA THR C 409 6.08 5.47 37.61
C THR C 409 6.66 5.63 39.01
N ALA C 410 6.08 4.94 40.00
CA ALA C 410 6.60 5.01 41.36
C ALA C 410 7.95 4.31 41.49
N ILE C 411 8.14 3.19 40.79
CA ILE C 411 9.42 2.47 40.84
C ILE C 411 10.52 3.30 40.19
N VAL C 412 10.23 3.94 39.04
CA VAL C 412 11.22 4.78 38.38
C VAL C 412 11.47 6.06 39.17
N ALA C 413 10.45 6.55 39.90
CA ALA C 413 10.61 7.75 40.71
C ALA C 413 11.51 7.49 41.92
N LYS C 414 11.27 6.39 42.63
CA LYS C 414 12.09 6.12 43.82
C LYS C 414 13.31 5.26 43.49
N THR C 415 14.05 5.65 42.45
CA THR C 415 15.39 5.15 42.24
C THR C 415 16.34 6.20 41.66
N GLU C 416 15.90 7.44 41.48
CA GLU C 416 16.74 8.49 40.92
C GLU C 416 16.96 9.65 41.87
N GLY C 417 15.90 10.23 42.42
CA GLY C 417 16.03 11.35 43.34
C GLY C 417 16.58 10.96 44.69
#